data_7C94
#
_entry.id   7C94
#
_cell.length_a   43.100
_cell.length_b   42.960
_cell.length_c   221.080
_cell.angle_alpha   90.000
_cell.angle_beta   91.366
_cell.angle_gamma   90.000
#
_symmetry.space_group_name_H-M   'P 1 21 1'
#
loop_
_entity.id
_entity.type
_entity.pdbx_description
1 polymer 'Light chain of Fab fragment'
2 polymer 'Heavy chain of Fab fragment'
3 polymer 'Peptide from Podoplanin'
4 branched 'N-acetyl-alpha-neuraminic acid-(2-3)-beta-D-galactopyranose-(1-3)-[N-acetyl-alpha-neuraminic acid-(2-6)]2-acetamido-2-deoxy-alpha-D-galactopyranose'
5 non-polymer 'PHOSPHATE ION'
6 non-polymer GLYCEROL
7 water water
#
loop_
_entity_poly.entity_id
_entity_poly.type
_entity_poly.pdbx_seq_one_letter_code
_entity_poly.pdbx_strand_id
1 'polypeptide(L)'
;DIVMTQSPSSLAMSVGQKVTMNCKSSQSLLNSSNQKNYLAWYQQKPGQSPKLLVYFASTRESGVPDRFIGSGSGTDFTLT
ISSAQAEDLADYFCQQYYSTPPTFGAGTKLELKRADAAPTVSIFPPSSEQLTSGGASVVCFLNNFYPKDINVKWKIDGSE
RQNGVLNSWTDQDSKDSTYSMSSTLTLTKDEYERHNSYTCEATHKTSTSPIVKSFNRNEC
;
A,D
2 'polypeptide(L)'
;EVQLVESGGGLVKPGGSLKLSCAASGFTFTRYAMSWVRQTPEKRLEWVATISNGGSYTYYLDSVKGRFTLSRDNAKNTLY
LQMSSLRSEDTAMYYCARREGGQAGPAWFVYWGQGTLVTVSAAKTTPPSVYPLAPGSAAQTNSMVTLGCLVKGYFPEPVT
VTWNSGSLSSGVHTFPAVLQSDLYTLSSSVTVPSSTWPSETVTCNVAHPASSTKVDKKIVPRDCG
;
B,E
3 'polypeptide(L)' LVATSVNSVTGIRIEDLP C,F
#
# COMPACT_ATOMS: atom_id res chain seq x y z
N ASP A 1 48.34 -10.96 20.58
CA ASP A 1 46.94 -10.56 20.52
C ASP A 1 46.25 -10.82 21.86
N ILE A 2 46.03 -9.75 22.62
CA ILE A 2 45.42 -9.85 23.94
C ILE A 2 43.91 -9.77 23.79
N VAL A 3 43.19 -10.52 24.62
CA VAL A 3 41.73 -10.60 24.57
C VAL A 3 41.17 -9.84 25.76
N MET A 4 40.40 -8.79 25.47
CA MET A 4 39.76 -7.97 26.51
C MET A 4 38.33 -8.45 26.71
N THR A 5 37.97 -8.74 27.95
CA THR A 5 36.63 -9.24 28.28
C THR A 5 35.93 -8.20 29.14
N GLN A 6 34.82 -7.67 28.65
CA GLN A 6 34.04 -6.66 29.36
C GLN A 6 32.80 -7.30 29.95
N SER A 7 32.54 -6.99 31.22
CA SER A 7 31.40 -7.56 31.94
C SER A 7 30.67 -6.46 32.69
N PRO A 8 29.32 -6.43 32.62
CA PRO A 8 28.53 -7.25 31.70
C PRO A 8 28.30 -6.51 30.38
N SER A 9 27.61 -7.14 29.44
CA SER A 9 27.40 -6.49 28.14
C SER A 9 26.45 -5.30 28.27
N SER A 10 25.44 -5.39 29.12
CA SER A 10 24.51 -4.30 29.36
C SER A 10 24.43 -4.04 30.86
N LEU A 11 24.20 -2.77 31.22
CA LEU A 11 24.21 -2.35 32.62
C LEU A 11 22.99 -1.47 32.88
N ALA A 12 22.08 -1.96 33.70
CA ALA A 12 20.88 -1.22 34.09
C ALA A 12 21.19 -0.37 35.30
N MET A 13 20.98 0.94 35.19
CA MET A 13 21.35 1.88 36.23
C MET A 13 20.19 2.81 36.57
N SER A 14 20.25 3.38 37.76
CA SER A 14 19.36 4.44 38.18
C SER A 14 20.17 5.72 38.38
N VAL A 15 19.55 6.86 38.10
CA VAL A 15 20.24 8.13 38.18
C VAL A 15 20.69 8.36 39.62
N GLY A 16 22.00 8.55 39.80
CA GLY A 16 22.56 8.83 41.11
C GLY A 16 23.16 7.63 41.82
N GLN A 17 23.00 6.43 41.28
CA GLN A 17 23.52 5.23 41.92
C GLN A 17 24.93 4.94 41.42
N LYS A 18 25.73 4.34 42.30
CA LYS A 18 27.09 3.96 41.93
C LYS A 18 27.06 2.84 40.91
N VAL A 19 27.90 2.96 39.88
CA VAL A 19 27.92 2.03 38.76
C VAL A 19 29.33 1.47 38.62
N THR A 20 29.44 0.15 38.49
CA THR A 20 30.73 -0.53 38.37
C THR A 20 30.76 -1.33 37.08
N MET A 21 31.88 -1.25 36.36
CA MET A 21 32.11 -1.97 35.12
C MET A 21 33.42 -2.74 35.22
N ASN A 22 33.41 -3.97 34.73
CA ASN A 22 34.58 -4.84 34.81
C ASN A 22 35.20 -5.05 33.44
N CYS A 23 36.52 -5.21 33.44
CA CYS A 23 37.27 -5.43 32.20
C CYS A 23 38.47 -6.30 32.54
N LYS A 24 38.61 -7.43 31.84
CA LYS A 24 39.66 -8.39 32.12
C LYS A 24 40.43 -8.69 30.84
N SER A 25 41.75 -8.81 30.97
CA SER A 25 42.64 -9.09 29.85
C SER A 25 43.28 -10.47 30.01
N SER A 26 43.51 -11.14 28.88
CA SER A 26 44.16 -12.45 28.89
C SER A 26 45.64 -12.38 29.24
N GLN A 27 46.20 -11.18 29.39
CA GLN A 27 47.59 -11.01 29.76
C GLN A 27 47.68 -9.92 30.83
N SER A 28 48.82 -9.89 31.52
CA SER A 28 49.06 -8.87 32.53
C SER A 28 49.49 -7.58 31.84
N LEU A 29 48.75 -6.50 32.09
CA LEU A 29 49.09 -5.18 31.57
C LEU A 29 49.99 -4.39 32.52
N LEU A 30 50.62 -5.07 33.47
CA LEU A 30 51.45 -4.42 34.48
C LEU A 30 52.90 -4.39 34.01
N ASN A 31 53.44 -3.19 33.85
CA ASN A 31 54.86 -3.01 33.54
C ASN A 31 55.61 -2.84 34.87
N SER A 32 56.38 -3.87 35.24
CA SER A 32 57.06 -3.87 36.54
C SER A 32 58.16 -2.83 36.64
N SER A 33 58.54 -2.19 35.53
CA SER A 33 59.60 -1.18 35.60
C SER A 33 59.07 0.18 36.04
N ASN A 34 57.85 0.52 35.63
CA ASN A 34 57.21 1.75 36.08
C ASN A 34 55.97 1.49 36.92
N GLN A 35 55.65 0.22 37.21
CA GLN A 35 54.54 -0.15 38.09
C GLN A 35 53.21 0.44 37.60
N LYS A 36 53.04 0.56 36.30
CA LYS A 36 51.85 1.18 35.73
C LYS A 36 51.12 0.19 34.84
N ASN A 37 49.79 0.19 34.95
CA ASN A 37 48.93 -0.67 34.15
C ASN A 37 48.56 0.01 32.85
N TYR A 38 48.54 -0.76 31.76
CA TYR A 38 48.35 -0.23 30.41
C TYR A 38 46.93 -0.55 29.95
N LEU A 39 45.97 0.24 30.44
CA LEU A 39 44.56 0.01 30.17
C LEU A 39 43.84 1.36 30.16
N ALA A 40 43.08 1.62 29.10
CA ALA A 40 42.35 2.86 28.95
C ALA A 40 40.85 2.60 28.88
N TRP A 41 40.07 3.62 29.19
CA TRP A 41 38.62 3.55 29.15
C TRP A 41 38.07 4.63 28.23
N TYR A 42 37.09 4.25 27.39
CA TYR A 42 36.48 5.18 26.45
C TYR A 42 34.97 5.18 26.62
N GLN A 43 34.37 6.35 26.43
CA GLN A 43 32.92 6.50 26.39
C GLN A 43 32.49 6.86 24.97
N GLN A 44 31.37 6.31 24.53
CA GLN A 44 30.86 6.58 23.19
C GLN A 44 29.35 6.75 23.26
N LYS A 45 28.88 8.00 23.08
CA LYS A 45 27.46 8.25 22.88
C LYS A 45 27.07 7.87 21.45
N PRO A 46 25.81 7.49 21.23
CA PRO A 46 25.38 7.16 19.86
C PRO A 46 25.57 8.35 18.93
N GLY A 47 26.05 8.06 17.73
CA GLY A 47 26.28 9.09 16.73
C GLY A 47 27.52 9.92 16.93
N GLN A 48 28.34 9.60 17.93
CA GLN A 48 29.58 10.32 18.22
C GLN A 48 30.75 9.36 18.19
N SER A 49 31.95 9.92 18.34
CA SER A 49 33.20 9.17 18.37
C SER A 49 33.54 8.80 19.81
N PRO A 50 34.37 7.77 20.01
CA PRO A 50 34.75 7.39 21.37
C PRO A 50 35.53 8.52 22.05
N LYS A 51 35.21 8.74 23.32
CA LYS A 51 35.84 9.79 24.12
C LYS A 51 36.63 9.14 25.24
N LEU A 52 37.92 9.49 25.34
CA LEU A 52 38.74 8.95 26.40
C LEU A 52 38.26 9.43 27.76
N LEU A 53 38.21 8.52 28.72
CA LEU A 53 37.82 8.83 30.09
C LEU A 53 38.99 8.68 31.05
N VAL A 54 39.58 7.49 31.11
CA VAL A 54 40.68 7.19 32.02
C VAL A 54 41.68 6.32 31.30
N TYR A 55 42.95 6.73 31.30
CA TYR A 55 44.06 5.92 30.82
C TYR A 55 44.96 5.55 31.99
N PHE A 56 45.85 4.60 31.75
CA PHE A 56 46.74 4.06 32.78
C PHE A 56 45.93 3.55 33.97
N ALA A 57 44.84 2.85 33.66
CA ALA A 57 43.97 2.19 34.65
C ALA A 57 43.22 3.19 35.54
N SER A 58 43.94 4.13 36.15
CA SER A 58 43.32 5.02 37.13
C SER A 58 43.53 6.51 36.86
N THR A 59 44.33 6.89 35.87
CA THR A 59 44.60 8.30 35.62
C THR A 59 43.49 8.88 34.74
N ARG A 60 42.83 9.93 35.23
CA ARG A 60 41.69 10.52 34.54
C ARG A 60 42.14 11.63 33.59
N GLU A 61 41.54 11.65 32.41
CA GLU A 61 41.84 12.68 31.43
C GLU A 61 41.24 14.01 31.85
N SER A 62 41.85 15.10 31.39
CA SER A 62 41.34 16.43 31.69
C SER A 62 39.97 16.63 31.07
N GLY A 63 39.05 17.21 31.85
CA GLY A 63 37.69 17.43 31.41
C GLY A 63 36.73 16.31 31.75
N VAL A 64 37.24 15.10 31.96
CA VAL A 64 36.39 13.96 32.33
C VAL A 64 35.79 14.21 33.71
N PRO A 65 34.52 13.87 33.94
CA PRO A 65 33.93 14.10 35.26
C PRO A 65 34.63 13.31 36.36
N ASP A 66 34.66 13.92 37.55
CA ASP A 66 35.30 13.29 38.71
C ASP A 66 34.57 12.04 39.19
N ARG A 67 33.30 11.87 38.80
CA ARG A 67 32.54 10.71 39.21
C ARG A 67 33.07 9.42 38.59
N PHE A 68 33.76 9.51 37.45
CA PHE A 68 34.36 8.33 36.84
C PHE A 68 35.61 7.94 37.62
N ILE A 69 35.69 6.66 38.00
CA ILE A 69 36.80 6.15 38.81
C ILE A 69 37.41 4.97 38.08
N GLY A 70 38.72 5.01 37.87
CA GLY A 70 39.47 3.90 37.29
C GLY A 70 40.23 3.15 38.37
N SER A 71 40.10 1.84 38.35
CA SER A 71 40.72 1.00 39.37
C SER A 71 41.06 -0.36 38.79
N GLY A 72 42.02 -1.02 39.42
CA GLY A 72 42.45 -2.35 39.01
C GLY A 72 43.93 -2.41 38.75
N SER A 73 44.40 -3.64 38.56
CA SER A 73 45.80 -3.90 38.24
C SER A 73 45.92 -5.31 37.67
N GLY A 74 47.08 -5.61 37.09
CA GLY A 74 47.30 -6.90 36.49
C GLY A 74 46.40 -7.20 35.32
N THR A 75 45.58 -8.25 35.44
CA THR A 75 44.67 -8.66 34.39
C THR A 75 43.24 -8.21 34.62
N ASP A 76 42.94 -7.57 35.76
CA ASP A 76 41.59 -7.15 36.09
C ASP A 76 41.54 -5.64 36.29
N PHE A 77 40.56 -5.00 35.66
CA PHE A 77 40.41 -3.54 35.74
C PHE A 77 38.94 -3.20 35.90
N THR A 78 38.68 -2.03 36.50
CA THR A 78 37.33 -1.62 36.83
C THR A 78 37.14 -0.15 36.53
N LEU A 79 36.00 0.18 35.92
CA LEU A 79 35.55 1.56 35.75
C LEU A 79 34.35 1.77 36.66
N THR A 80 34.43 2.78 37.51
CA THR A 80 33.40 3.05 38.52
C THR A 80 32.83 4.45 38.30
N ILE A 81 31.50 4.55 38.35
CA ILE A 81 30.79 5.81 38.17
C ILE A 81 29.99 6.06 39.45
N SER A 82 30.54 6.90 40.32
CA SER A 82 29.83 7.28 41.54
C SER A 82 28.76 8.32 41.20
N SER A 83 27.54 8.10 41.67
CA SER A 83 26.41 8.97 41.38
C SER A 83 26.24 9.14 39.86
N ALA A 84 25.84 8.03 39.24
CA ALA A 84 25.68 8.01 37.79
C ALA A 84 24.57 8.96 37.35
N GLN A 85 24.76 9.58 36.20
CA GLN A 85 23.84 10.60 35.70
C GLN A 85 23.32 10.18 34.33
N ALA A 86 22.18 10.77 33.95
CA ALA A 86 21.56 10.44 32.67
C ALA A 86 22.40 10.88 31.48
N GLU A 87 23.34 11.81 31.67
CA GLU A 87 24.26 12.13 30.59
C GLU A 87 25.27 11.01 30.37
N ASP A 88 25.47 10.13 31.36
CA ASP A 88 26.45 9.05 31.26
C ASP A 88 25.90 7.81 30.59
N LEU A 89 24.64 7.81 30.14
CA LEU A 89 24.07 6.65 29.44
C LEU A 89 24.76 6.50 28.10
N ALA A 90 25.71 5.57 28.01
CA ALA A 90 26.50 5.42 26.80
C ALA A 90 27.17 4.05 26.79
N ASP A 91 27.92 3.79 25.72
CA ASP A 91 28.78 2.63 25.60
C ASP A 91 30.13 2.92 26.23
N TYR A 92 30.71 1.92 26.86
CA TYR A 92 32.03 2.03 27.46
C TYR A 92 32.92 0.89 26.98
N PHE A 93 34.11 1.25 26.51
CA PHE A 93 35.10 0.30 26.02
C PHE A 93 36.37 0.42 26.86
N CYS A 94 37.03 -0.71 27.06
CA CYS A 94 38.36 -0.72 27.65
C CYS A 94 39.36 -1.18 26.59
N GLN A 95 40.54 -0.56 26.60
CA GLN A 95 41.57 -0.82 25.60
C GLN A 95 42.91 -1.06 26.29
N GLN A 96 43.60 -2.11 25.90
CA GLN A 96 44.96 -2.34 26.37
C GLN A 96 45.93 -1.81 25.33
N TYR A 97 47.01 -1.19 25.80
CA TYR A 97 48.08 -0.75 24.92
C TYR A 97 49.43 -1.28 25.40
N TYR A 98 49.42 -2.33 26.22
CA TYR A 98 50.66 -2.98 26.63
C TYR A 98 51.36 -3.59 25.42
N SER A 99 50.67 -4.47 24.70
CA SER A 99 51.21 -5.18 23.55
C SER A 99 50.54 -4.69 22.27
N THR A 100 51.16 -5.06 21.16
CA THR A 100 50.67 -4.79 19.81
C THR A 100 50.03 -6.06 19.26
N PRO A 101 48.83 -5.99 18.68
CA PRO A 101 48.03 -4.80 18.39
C PRO A 101 47.23 -4.27 19.57
N PRO A 102 46.84 -3.00 19.53
CA PRO A 102 45.86 -2.49 20.49
C PRO A 102 44.54 -3.21 20.31
N THR A 103 44.04 -3.80 21.40
CA THR A 103 42.77 -4.49 21.39
C THR A 103 41.80 -3.82 22.35
N PHE A 104 40.53 -3.83 21.97
CA PHE A 104 39.45 -3.30 22.79
C PHE A 104 38.56 -4.43 23.27
N GLY A 105 37.71 -4.13 24.24
CA GLY A 105 36.69 -5.07 24.65
C GLY A 105 35.45 -4.98 23.76
N ALA A 106 34.51 -5.89 24.01
CA ALA A 106 33.25 -5.89 23.27
C ALA A 106 32.40 -4.66 23.59
N GLY A 107 32.60 -4.04 24.73
CA GLY A 107 31.81 -2.89 25.12
C GLY A 107 30.73 -3.24 26.13
N THR A 108 30.36 -2.25 26.95
CA THR A 108 29.33 -2.41 27.96
C THR A 108 28.34 -1.27 27.84
N LYS A 109 27.11 -1.58 27.45
CA LYS A 109 26.07 -0.57 27.35
C LYS A 109 25.55 -0.22 28.73
N LEU A 110 25.39 1.08 28.98
CA LEU A 110 24.76 1.57 30.20
C LEU A 110 23.33 1.96 29.87
N GLU A 111 22.37 1.24 30.44
CA GLU A 111 20.96 1.47 30.16
C GLU A 111 20.23 1.91 31.42
N LEU A 112 19.08 2.53 31.22
CA LEU A 112 18.27 3.01 32.34
C LEU A 112 17.49 1.86 32.96
N LYS A 113 17.41 1.85 34.28
CA LYS A 113 16.66 0.85 35.02
C LYS A 113 15.21 1.28 35.14
N ARG A 114 14.29 0.38 34.80
CA ARG A 114 12.86 0.64 34.93
C ARG A 114 12.16 -0.64 35.36
N ALA A 115 10.89 -0.51 35.70
CA ALA A 115 10.12 -1.67 36.14
C ALA A 115 9.87 -2.62 34.99
N ASP A 116 9.83 -3.92 35.29
CA ASP A 116 9.60 -4.93 34.27
C ASP A 116 8.28 -4.70 33.56
N ALA A 117 8.28 -4.86 32.24
CA ALA A 117 7.08 -4.85 31.44
C ALA A 117 7.08 -6.07 30.52
N ALA A 118 5.95 -6.75 30.45
CA ALA A 118 5.86 -7.91 29.57
C ALA A 118 5.75 -7.45 28.12
N PRO A 119 6.26 -8.25 27.18
CA PRO A 119 6.19 -7.87 25.77
C PRO A 119 4.78 -7.96 25.24
N THR A 120 4.50 -7.13 24.24
CA THR A 120 3.21 -7.17 23.53
C THR A 120 3.47 -7.85 22.19
N VAL A 121 3.23 -9.17 22.17
CA VAL A 121 3.56 -10.00 21.02
C VAL A 121 2.44 -9.92 19.99
N SER A 122 2.81 -9.69 18.73
CA SER A 122 1.87 -9.72 17.62
C SER A 122 2.51 -10.51 16.48
N ILE A 123 1.70 -11.31 15.79
CA ILE A 123 2.19 -12.11 14.67
C ILE A 123 1.42 -11.73 13.41
N PHE A 124 2.13 -11.65 12.29
CA PHE A 124 1.56 -11.22 11.04
C PHE A 124 1.96 -12.22 9.95
N PRO A 125 1.00 -12.79 9.23
CA PRO A 125 1.32 -13.75 8.17
C PRO A 125 1.82 -13.02 6.94
N PRO A 126 2.37 -13.75 5.97
CA PRO A 126 2.83 -13.11 4.73
C PRO A 126 1.70 -12.39 4.02
N SER A 127 2.01 -11.21 3.47
CA SER A 127 1.04 -10.47 2.68
C SER A 127 0.82 -11.16 1.35
N SER A 128 -0.40 -11.02 0.82
CA SER A 128 -0.68 -11.57 -0.50
C SER A 128 0.18 -10.92 -1.58
N GLU A 129 0.54 -9.65 -1.40
CA GLU A 129 1.39 -8.97 -2.37
C GLU A 129 2.80 -9.57 -2.40
N GLN A 130 3.32 -9.95 -1.23
CA GLN A 130 4.59 -10.67 -1.20
C GLN A 130 4.45 -12.08 -1.72
N LEU A 131 3.31 -12.73 -1.47
CA LEU A 131 3.10 -14.08 -1.97
C LEU A 131 3.04 -14.11 -3.49
N THR A 132 2.60 -13.02 -4.12
CA THR A 132 2.59 -12.95 -5.58
C THR A 132 3.99 -12.87 -6.16
N SER A 133 4.98 -12.47 -5.37
CA SER A 133 6.37 -12.42 -5.81
C SER A 133 7.14 -13.68 -5.43
N GLY A 134 6.44 -14.72 -4.97
CA GLY A 134 7.08 -15.97 -4.62
C GLY A 134 7.82 -15.96 -3.31
N GLY A 135 7.52 -15.01 -2.42
CA GLY A 135 8.15 -14.96 -1.11
C GLY A 135 7.12 -14.92 -0.02
N ALA A 136 7.60 -15.13 1.21
CA ALA A 136 6.71 -15.17 2.37
C ALA A 136 7.52 -14.85 3.62
N SER A 137 7.27 -13.68 4.20
CA SER A 137 7.92 -13.25 5.44
C SER A 137 6.88 -13.23 6.54
N VAL A 138 7.10 -14.01 7.58
CA VAL A 138 6.26 -14.01 8.78
C VAL A 138 6.93 -13.10 9.80
N VAL A 139 6.25 -12.04 10.21
CA VAL A 139 6.81 -11.05 11.13
C VAL A 139 6.16 -11.25 12.50
N CYS A 140 6.98 -11.13 13.54
CA CYS A 140 6.52 -11.18 14.91
C CYS A 140 7.06 -9.96 15.64
N PHE A 141 6.17 -9.09 16.10
CA PHE A 141 6.57 -7.90 16.84
C PHE A 141 6.44 -8.16 18.33
N LEU A 142 7.51 -7.94 19.07
CA LEU A 142 7.48 -7.95 20.52
C LEU A 142 7.82 -6.54 21.00
N ASN A 143 6.82 -5.81 21.47
CA ASN A 143 6.97 -4.39 21.78
C ASN A 143 6.83 -4.14 23.27
N ASN A 144 7.53 -3.09 23.73
CA ASN A 144 7.36 -2.54 25.07
C ASN A 144 7.60 -3.60 26.15
N PHE A 145 8.83 -4.10 26.20
CA PHE A 145 9.23 -5.05 27.22
C PHE A 145 10.55 -4.62 27.85
N TYR A 146 10.77 -5.08 29.07
CA TYR A 146 11.98 -4.82 29.83
C TYR A 146 12.07 -5.87 30.93
N PRO A 147 13.26 -6.43 31.19
CA PRO A 147 14.55 -6.11 30.58
C PRO A 147 14.71 -6.58 29.14
N LYS A 148 15.87 -6.25 28.57
CA LYS A 148 16.16 -6.50 27.17
C LYS A 148 16.26 -7.99 26.85
N ASP A 149 16.55 -8.82 27.83
CA ASP A 149 16.84 -10.24 27.60
C ASP A 149 15.56 -11.00 27.28
N ILE A 150 15.41 -11.39 26.02
CA ILE A 150 14.24 -12.11 25.56
C ILE A 150 14.68 -13.29 24.70
N ASN A 151 13.88 -14.37 24.73
CA ASN A 151 14.20 -15.63 24.04
C ASN A 151 13.02 -15.96 23.12
N VAL A 152 13.02 -15.36 21.93
CA VAL A 152 11.96 -15.60 20.94
C VAL A 152 12.30 -16.83 20.12
N LYS A 153 11.26 -17.53 19.67
CA LYS A 153 11.44 -18.77 18.91
C LYS A 153 10.38 -18.85 17.83
N TRP A 154 10.75 -19.44 16.69
CA TRP A 154 9.84 -19.71 15.60
C TRP A 154 9.60 -21.20 15.51
N LYS A 155 8.34 -21.62 15.56
CA LYS A 155 7.96 -23.01 15.42
C LYS A 155 6.98 -23.15 14.27
N ILE A 156 7.26 -24.09 13.37
CA ILE A 156 6.41 -24.36 12.21
C ILE A 156 5.90 -25.78 12.35
N ASP A 157 4.58 -25.93 12.52
CA ASP A 157 3.94 -27.23 12.66
C ASP A 157 4.54 -28.04 13.81
N GLY A 158 4.79 -27.36 14.93
CA GLY A 158 5.27 -28.00 16.14
C GLY A 158 6.77 -28.16 16.24
N SER A 159 7.52 -27.79 15.22
CA SER A 159 8.97 -27.98 15.20
C SER A 159 9.64 -26.61 15.15
N GLU A 160 10.61 -26.41 16.05
CA GLU A 160 11.36 -25.16 16.06
C GLU A 160 12.17 -25.02 14.77
N ARG A 161 12.14 -23.82 14.19
CA ARG A 161 12.84 -23.51 12.96
C ARG A 161 13.84 -22.39 13.21
N GLN A 162 15.09 -22.62 12.81
CA GLN A 162 16.13 -21.61 12.94
C GLN A 162 16.53 -20.99 11.61
N ASN A 163 16.33 -21.68 10.50
CA ASN A 163 16.82 -21.21 9.21
C ASN A 163 15.95 -20.08 8.70
N GLY A 164 16.61 -19.05 8.16
CA GLY A 164 15.89 -17.93 7.56
C GLY A 164 15.20 -17.02 8.55
N VAL A 165 15.76 -16.84 9.74
CA VAL A 165 15.17 -16.01 10.78
C VAL A 165 16.10 -14.84 11.07
N LEU A 166 15.57 -13.62 11.01
CA LEU A 166 16.34 -12.42 11.31
C LEU A 166 15.65 -11.63 12.41
N ASN A 167 16.44 -11.12 13.34
CA ASN A 167 15.94 -10.34 14.45
C ASN A 167 16.52 -8.94 14.42
N SER A 168 15.74 -7.97 14.91
CA SER A 168 16.17 -6.59 14.98
C SER A 168 15.75 -6.01 16.33
N TRP A 169 16.68 -5.33 16.99
CA TRP A 169 16.40 -4.75 18.30
C TRP A 169 16.44 -3.23 18.23
N THR A 170 15.45 -2.59 18.83
CA THR A 170 15.46 -1.14 18.93
C THR A 170 16.29 -0.69 20.12
N ASP A 171 16.67 0.58 20.10
CA ASP A 171 17.31 1.16 21.27
C ASP A 171 16.29 1.30 22.40
N GLN A 172 16.80 1.53 23.61
CA GLN A 172 15.91 1.77 24.74
C GLN A 172 15.14 3.06 24.51
N ASP A 173 13.81 2.98 24.58
CA ASP A 173 12.97 4.12 24.27
C ASP A 173 13.23 5.25 25.26
N SER A 174 13.30 6.48 24.74
CA SER A 174 13.63 7.65 25.55
C SER A 174 12.44 8.21 26.31
N LYS A 175 11.27 7.59 26.19
CA LYS A 175 10.08 8.03 26.92
C LYS A 175 9.57 7.04 27.94
N ASP A 176 9.75 5.72 27.72
CA ASP A 176 9.32 4.74 28.69
C ASP A 176 10.38 3.69 29.01
N SER A 177 11.58 3.79 28.42
CA SER A 177 12.71 2.93 28.74
C SER A 177 12.43 1.46 28.44
N THR A 178 11.53 1.19 27.49
CA THR A 178 11.18 -0.17 27.13
C THR A 178 12.00 -0.61 25.91
N TYR A 179 11.77 -1.86 25.48
CA TYR A 179 12.45 -2.42 24.33
C TYR A 179 11.43 -3.01 23.36
N SER A 180 11.81 -3.05 22.10
CA SER A 180 11.00 -3.65 21.05
C SER A 180 11.90 -4.50 20.17
N MET A 181 11.41 -5.69 19.81
CA MET A 181 12.16 -6.62 18.99
C MET A 181 11.25 -7.15 17.89
N SER A 182 11.78 -7.17 16.66
CA SER A 182 11.08 -7.71 15.50
C SER A 182 11.79 -8.95 15.02
N SER A 183 11.04 -10.01 14.75
CA SER A 183 11.59 -11.25 14.23
C SER A 183 10.86 -11.60 12.94
N THR A 184 11.62 -11.85 11.88
CA THR A 184 11.08 -12.13 10.56
C THR A 184 11.56 -13.50 10.11
N LEU A 185 10.62 -14.37 9.77
CA LEU A 185 10.92 -15.68 9.20
C LEU A 185 10.67 -15.59 7.71
N THR A 186 11.74 -15.62 6.92
CA THR A 186 11.66 -15.50 5.48
C THR A 186 11.80 -16.87 4.84
N LEU A 187 10.87 -17.17 3.92
CA LEU A 187 10.88 -18.45 3.22
C LEU A 187 10.09 -18.29 1.93
N THR A 188 10.41 -19.12 0.95
CA THR A 188 9.77 -19.04 -0.34
C THR A 188 8.27 -19.34 -0.24
N LYS A 189 7.53 -18.86 -1.24
CA LYS A 189 6.08 -19.09 -1.27
C LYS A 189 5.76 -20.58 -1.26
N ASP A 190 6.53 -21.38 -2.01
CA ASP A 190 6.33 -22.82 -1.99
C ASP A 190 6.67 -23.42 -0.63
N GLU A 191 7.66 -22.86 0.05
CA GLU A 191 8.01 -23.32 1.39
C GLU A 191 6.94 -22.94 2.40
N TYR A 192 6.25 -21.82 2.19
CA TYR A 192 5.22 -21.38 3.11
C TYR A 192 3.95 -22.22 2.98
N GLU A 193 3.60 -22.60 1.76
CA GLU A 193 2.40 -23.39 1.53
C GLU A 193 2.54 -24.84 1.97
N ARG A 194 3.75 -25.31 2.27
CA ARG A 194 3.94 -26.70 2.66
C ARG A 194 3.42 -26.97 4.07
N HIS A 195 3.50 -25.98 4.95
CA HIS A 195 3.16 -26.15 6.35
C HIS A 195 1.98 -25.26 6.73
N ASN A 196 1.27 -25.67 7.78
CA ASN A 196 -0.01 -25.07 8.12
C ASN A 196 0.00 -24.26 9.41
N SER A 197 0.74 -24.68 10.43
CA SER A 197 0.73 -24.03 11.73
C SER A 197 2.03 -23.26 11.90
N TYR A 198 1.94 -21.94 11.96
CA TYR A 198 3.07 -21.07 12.25
C TYR A 198 2.86 -20.47 13.64
N THR A 199 3.87 -20.58 14.49
CA THR A 199 3.75 -20.08 15.86
C THR A 199 5.00 -19.30 16.24
N CYS A 200 4.80 -18.07 16.69
CA CYS A 200 5.88 -17.27 17.27
C CYS A 200 5.72 -17.27 18.78
N GLU A 201 6.77 -17.69 19.49
CA GLU A 201 6.74 -17.71 20.94
C GLU A 201 8.04 -17.15 21.49
N ALA A 202 7.95 -16.57 22.68
CA ALA A 202 9.11 -16.01 23.37
C ALA A 202 8.99 -16.28 24.85
N THR A 203 10.15 -16.24 25.52
CA THR A 203 10.21 -16.37 26.98
C THR A 203 10.85 -15.12 27.55
N HIS A 204 10.23 -14.58 28.60
CA HIS A 204 10.71 -13.37 29.25
C HIS A 204 10.54 -13.54 30.76
N LYS A 205 11.34 -12.78 31.51
CA LYS A 205 11.26 -12.91 32.97
C LYS A 205 9.92 -12.46 33.53
N THR A 206 9.13 -11.72 32.74
CA THR A 206 7.85 -11.23 33.25
C THR A 206 6.82 -12.34 33.38
N SER A 207 6.92 -13.38 32.55
CA SER A 207 5.95 -14.48 32.57
C SER A 207 6.69 -15.80 32.57
N THR A 208 6.39 -16.65 33.56
CA THR A 208 6.99 -17.98 33.61
C THR A 208 6.50 -18.85 32.46
N SER A 209 5.27 -18.61 32.00
CA SER A 209 4.76 -19.31 30.82
C SER A 209 5.14 -18.53 29.56
N PRO A 210 5.64 -19.20 28.53
CA PRO A 210 6.04 -18.46 27.32
C PRO A 210 4.84 -17.87 26.59
N ILE A 211 4.98 -16.62 26.16
CA ILE A 211 3.93 -15.97 25.39
C ILE A 211 3.91 -16.54 23.98
N VAL A 212 2.74 -16.97 23.54
CA VAL A 212 2.58 -17.69 22.28
C VAL A 212 1.64 -16.90 21.38
N LYS A 213 2.00 -16.82 20.10
CA LYS A 213 1.12 -16.27 19.07
C LYS A 213 1.25 -17.13 17.83
N SER A 214 0.14 -17.70 17.38
CA SER A 214 0.13 -18.60 16.24
C SER A 214 -0.94 -18.18 15.25
N PHE A 215 -0.91 -18.81 14.07
CA PHE A 215 -1.97 -18.68 13.08
C PHE A 215 -1.86 -19.85 12.12
N ASN A 216 -3.02 -20.27 11.62
CA ASN A 216 -3.08 -21.35 10.64
C ASN A 216 -3.10 -20.76 9.23
N ARG A 217 -2.36 -21.40 8.32
CA ARG A 217 -2.24 -20.87 6.97
C ARG A 217 -3.58 -20.82 6.24
N ASN A 218 -4.56 -21.63 6.65
CA ASN A 218 -5.87 -21.66 6.03
C ASN A 218 -6.96 -21.14 6.97
N GLU A 219 -6.59 -20.37 7.99
CA GLU A 219 -7.54 -19.79 8.92
C GLU A 219 -7.23 -18.32 9.12
N CYS A 220 -8.26 -17.54 9.42
CA CYS A 220 -8.09 -16.11 9.67
C CYS A 220 -8.99 -15.65 10.83
N GLU B 1 42.78 23.57 20.09
CA GLU B 1 41.64 23.19 19.26
C GLU B 1 42.01 22.12 18.25
N VAL B 2 42.40 20.95 18.75
CA VAL B 2 42.79 19.85 17.87
C VAL B 2 41.60 19.39 17.06
N GLN B 3 41.81 19.21 15.75
CA GLN B 3 40.75 18.85 14.84
C GLN B 3 41.24 17.80 13.87
N LEU B 4 40.40 16.80 13.59
CA LEU B 4 40.71 15.71 12.67
C LEU B 4 39.54 15.49 11.73
N VAL B 5 39.77 15.66 10.44
CA VAL B 5 38.73 15.55 9.43
C VAL B 5 39.06 14.37 8.52
N GLU B 6 38.18 13.38 8.49
CA GLU B 6 38.33 12.22 7.62
C GLU B 6 37.49 12.40 6.37
N SER B 7 38.01 11.85 5.27
CA SER B 7 37.29 11.88 4.00
C SER B 7 37.79 10.72 3.15
N GLY B 8 37.13 10.51 2.01
CA GLY B 8 37.47 9.47 1.08
C GLY B 8 36.68 8.20 1.22
N GLY B 9 36.02 7.99 2.36
CA GLY B 9 35.23 6.80 2.54
C GLY B 9 33.96 6.84 1.70
N GLY B 10 33.60 5.70 1.13
CA GLY B 10 32.41 5.61 0.31
C GLY B 10 32.04 4.17 0.05
N LEU B 11 31.01 4.00 -0.77
CA LEU B 11 30.59 2.66 -1.18
C LEU B 11 31.56 2.11 -2.22
N VAL B 12 32.02 0.88 -1.99
CA VAL B 12 32.99 0.24 -2.87
C VAL B 12 32.66 -1.24 -2.98
N LYS B 13 32.95 -1.82 -4.14
CA LYS B 13 32.71 -3.24 -4.35
C LYS B 13 33.84 -4.07 -3.75
N PRO B 14 33.59 -5.36 -3.47
CA PRO B 14 34.65 -6.21 -2.93
C PRO B 14 35.80 -6.35 -3.92
N GLY B 15 37.02 -6.16 -3.42
CA GLY B 15 38.20 -6.14 -4.25
C GLY B 15 38.56 -4.78 -4.79
N GLY B 16 37.66 -3.79 -4.68
CA GLY B 16 37.95 -2.46 -5.14
C GLY B 16 38.90 -1.71 -4.23
N SER B 17 39.37 -0.56 -4.71
CA SER B 17 40.33 0.25 -4.00
C SER B 17 39.67 1.53 -3.47
N LEU B 18 40.20 2.02 -2.35
CA LEU B 18 39.67 3.21 -1.70
C LEU B 18 40.78 3.78 -0.82
N LYS B 19 40.88 5.11 -0.79
CA LYS B 19 41.89 5.77 0.02
C LYS B 19 41.23 6.80 0.92
N LEU B 20 41.52 6.71 2.21
CA LEU B 20 40.98 7.64 3.21
C LEU B 20 42.03 8.68 3.54
N SER B 21 41.63 9.95 3.55
CA SER B 21 42.49 11.04 3.95
C SER B 21 42.11 11.50 5.36
N CYS B 22 43.06 12.08 6.07
CA CYS B 22 42.82 12.63 7.40
C CYS B 22 43.62 13.92 7.55
N ALA B 23 42.93 15.06 7.53
CA ALA B 23 43.55 16.34 7.77
C ALA B 23 43.59 16.61 9.27
N ALA B 24 44.70 17.16 9.74
CA ALA B 24 44.90 17.42 11.16
C ALA B 24 45.22 18.89 11.40
N SER B 25 44.63 19.45 12.46
CA SER B 25 44.83 20.85 12.79
C SER B 25 44.82 21.00 14.30
N GLY B 26 45.26 22.18 14.76
CA GLY B 26 45.25 22.49 16.17
C GLY B 26 46.44 21.99 16.96
N PHE B 27 47.37 21.26 16.33
CA PHE B 27 48.51 20.71 17.04
C PHE B 27 49.63 20.47 16.04
N THR B 28 50.79 20.10 16.57
CA THR B 28 51.98 19.84 15.75
C THR B 28 51.91 18.41 15.25
N PHE B 29 51.70 18.26 13.94
CA PHE B 29 51.52 16.94 13.32
C PHE B 29 52.79 16.09 13.38
N THR B 30 53.96 16.73 13.38
CA THR B 30 55.24 16.02 13.38
C THR B 30 55.61 15.46 14.76
N ARG B 31 54.94 15.89 15.83
CA ARG B 31 55.28 15.44 17.17
C ARG B 31 54.53 14.21 17.62
N TYR B 32 53.49 13.80 16.89
CA TYR B 32 52.63 12.70 17.32
C TYR B 32 52.56 11.61 16.27
N ALA B 33 52.20 10.42 16.73
CA ALA B 33 51.92 9.29 15.86
C ALA B 33 50.43 9.25 15.57
N MET B 34 50.07 8.98 14.32
CA MET B 34 48.68 8.92 13.93
C MET B 34 48.26 7.48 13.69
N SER B 35 46.98 7.21 13.88
CA SER B 35 46.45 5.86 13.81
C SER B 35 45.07 5.88 13.18
N TRP B 36 44.67 4.72 12.66
CA TRP B 36 43.32 4.50 12.16
C TRP B 36 42.67 3.40 12.99
N VAL B 37 41.48 3.67 13.49
CA VAL B 37 40.70 2.69 14.24
C VAL B 37 39.31 2.61 13.62
N ARG B 38 38.84 1.40 13.36
CA ARG B 38 37.55 1.21 12.73
C ARG B 38 36.55 0.58 13.71
N GLN B 39 35.28 0.90 13.53
CA GLN B 39 34.20 0.35 14.34
C GLN B 39 33.22 -0.36 13.43
N THR B 40 33.02 -1.65 13.65
CA THR B 40 32.22 -2.50 12.79
C THR B 40 30.73 -2.18 12.96
N PRO B 41 29.87 -2.67 12.05
CA PRO B 41 28.43 -2.52 12.25
C PRO B 41 27.95 -3.09 13.58
N GLU B 42 28.67 -4.08 14.13
CA GLU B 42 28.36 -4.63 15.44
C GLU B 42 28.93 -3.79 16.58
N LYS B 43 29.32 -2.54 16.30
CA LYS B 43 29.78 -1.59 17.31
C LYS B 43 31.04 -2.06 18.03
N ARG B 44 31.94 -2.73 17.32
CA ARG B 44 33.19 -3.22 17.88
C ARG B 44 34.33 -2.31 17.45
N LEU B 45 35.08 -1.79 18.41
CA LEU B 45 36.22 -0.94 18.10
C LEU B 45 37.42 -1.81 17.70
N GLU B 46 37.98 -1.53 16.53
CA GLU B 46 39.03 -2.37 15.95
C GLU B 46 40.13 -1.47 15.41
N TRP B 47 41.32 -1.56 15.99
CA TRP B 47 42.47 -0.78 15.51
C TRP B 47 42.93 -1.32 14.16
N VAL B 48 43.29 -0.42 13.26
CA VAL B 48 43.70 -0.78 11.90
C VAL B 48 45.21 -0.64 11.72
N ALA B 49 45.74 0.57 11.84
CA ALA B 49 47.15 0.78 11.55
C ALA B 49 47.65 2.00 12.31
N THR B 50 48.97 2.05 12.49
CA THR B 50 49.64 3.14 13.19
C THR B 50 50.92 3.48 12.45
N ILE B 51 51.15 4.78 12.24
CA ILE B 51 52.34 5.26 11.56
C ILE B 51 53.09 6.18 12.51
N SER B 52 54.42 6.09 12.48
CA SER B 52 55.25 6.96 13.29
C SER B 52 55.22 8.39 12.75
N ASN B 53 55.73 9.32 13.56
CA ASN B 53 55.67 10.73 13.20
C ASN B 53 56.48 11.02 11.93
N GLY B 54 57.58 10.31 11.72
CA GLY B 54 58.35 10.47 10.51
C GLY B 54 57.98 9.55 9.38
N GLY B 55 57.02 8.65 9.61
CA GLY B 55 56.59 7.71 8.59
C GLY B 55 57.55 6.56 8.32
N SER B 56 58.67 6.49 9.04
CA SER B 56 59.65 5.44 8.78
C SER B 56 59.09 4.07 9.11
N TYR B 57 58.43 3.94 10.27
CA TYR B 57 57.95 2.67 10.77
C TYR B 57 56.42 2.68 10.78
N THR B 58 55.82 1.69 10.15
CA THR B 58 54.37 1.56 10.06
C THR B 58 53.93 0.23 10.67
N TYR B 59 52.85 0.28 11.45
CA TYR B 59 52.32 -0.89 12.12
C TYR B 59 50.88 -1.10 11.67
N TYR B 60 50.57 -2.31 11.21
CA TYR B 60 49.25 -2.61 10.67
C TYR B 60 48.61 -3.77 11.42
N LEU B 61 47.28 -3.76 11.47
CA LEU B 61 46.53 -4.90 12.00
C LEU B 61 46.80 -6.12 11.13
N ASP B 62 46.90 -7.28 11.78
CA ASP B 62 47.34 -8.50 11.10
C ASP B 62 46.35 -8.92 10.01
N SER B 63 45.05 -8.80 10.28
CA SER B 63 44.06 -9.19 9.28
C SER B 63 44.17 -8.35 8.02
N VAL B 64 44.71 -7.13 8.13
CA VAL B 64 44.73 -6.18 7.03
C VAL B 64 46.09 -6.14 6.33
N LYS B 65 47.11 -6.81 6.86
CA LYS B 65 48.47 -6.71 6.35
C LYS B 65 48.56 -7.08 4.88
N GLY B 66 49.34 -6.29 4.14
CA GLY B 66 49.54 -6.50 2.72
C GLY B 66 48.55 -5.80 1.82
N ARG B 67 47.41 -5.38 2.36
CA ARG B 67 46.36 -4.72 1.58
C ARG B 67 46.22 -3.24 1.90
N PHE B 68 46.24 -2.88 3.19
CA PHE B 68 46.21 -1.48 3.60
C PHE B 68 47.64 -0.96 3.66
N THR B 69 47.87 0.22 3.09
CA THR B 69 49.17 0.88 3.13
C THR B 69 48.98 2.26 3.74
N LEU B 70 49.70 2.54 4.83
CA LEU B 70 49.60 3.80 5.53
C LEU B 70 50.68 4.75 5.03
N SER B 71 50.30 6.02 4.83
CA SER B 71 51.22 7.02 4.31
C SER B 71 50.93 8.35 4.98
N ARG B 72 51.99 9.03 5.41
CA ARG B 72 51.88 10.30 6.12
C ARG B 72 52.54 11.40 5.31
N ASP B 73 51.94 12.60 5.34
CA ASP B 73 52.46 13.77 4.67
C ASP B 73 52.60 14.88 5.71
N ASN B 74 53.79 15.01 6.29
CA ASN B 74 54.04 16.03 7.30
C ASN B 74 54.14 17.43 6.71
N ALA B 75 54.15 17.57 5.38
CA ALA B 75 54.17 18.89 4.77
C ALA B 75 52.79 19.50 4.72
N LYS B 76 51.75 18.68 4.57
CA LYS B 76 50.37 19.15 4.55
C LYS B 76 49.59 18.74 5.78
N ASN B 77 50.23 18.08 6.75
CA ASN B 77 49.57 17.60 7.96
C ASN B 77 48.37 16.73 7.61
N THR B 78 48.62 15.71 6.80
CA THR B 78 47.54 14.86 6.30
C THR B 78 47.97 13.40 6.41
N LEU B 79 47.06 12.56 6.91
CA LEU B 79 47.27 11.13 7.01
C LEU B 79 46.49 10.44 5.90
N TYR B 80 47.14 9.50 5.22
CA TYR B 80 46.54 8.77 4.11
C TYR B 80 46.54 7.28 4.43
N LEU B 81 45.37 6.64 4.25
CA LEU B 81 45.22 5.20 4.44
C LEU B 81 44.77 4.58 3.13
N GLN B 82 45.71 4.00 2.39
CA GLN B 82 45.38 3.27 1.18
C GLN B 82 44.76 1.93 1.53
N MET B 83 43.64 1.61 0.89
CA MET B 83 42.95 0.34 1.09
C MET B 83 42.77 -0.34 -0.26
N SER B 84 43.31 -1.56 -0.38
CA SER B 84 43.17 -2.36 -1.58
C SER B 84 42.63 -3.73 -1.20
N SER B 85 42.09 -4.42 -2.22
CA SER B 85 41.52 -5.76 -2.06
C SER B 85 40.50 -5.77 -0.93
N LEU B 86 39.60 -4.79 -0.95
CA LEU B 86 38.66 -4.59 0.14
C LEU B 86 37.68 -5.75 0.24
N ARG B 87 37.46 -6.21 1.47
CA ARG B 87 36.59 -7.33 1.75
C ARG B 87 35.33 -6.86 2.46
N SER B 88 34.32 -7.72 2.47
CA SER B 88 33.08 -7.43 3.18
C SER B 88 33.26 -7.44 4.69
N GLU B 89 34.46 -7.76 5.19
CA GLU B 89 34.77 -7.59 6.59
C GLU B 89 35.39 -6.24 6.90
N ASP B 90 35.68 -5.45 5.88
CA ASP B 90 36.27 -4.13 6.04
C ASP B 90 35.23 -3.02 6.12
N THR B 91 33.97 -3.31 5.82
CA THR B 91 32.93 -2.29 5.90
C THR B 91 32.73 -1.88 7.35
N ALA B 92 33.17 -0.68 7.70
CA ALA B 92 33.05 -0.17 9.05
C ALA B 92 33.26 1.33 9.01
N MET B 93 33.04 1.98 10.16
CA MET B 93 33.38 3.39 10.30
C MET B 93 34.85 3.50 10.66
N TYR B 94 35.61 4.26 9.87
CA TYR B 94 37.04 4.39 10.05
C TYR B 94 37.34 5.72 10.72
N TYR B 95 37.98 5.66 11.89
CA TYR B 95 38.27 6.83 12.70
C TYR B 95 39.75 7.14 12.64
N CYS B 96 40.07 8.41 12.38
CA CYS B 96 41.42 8.92 12.49
C CYS B 96 41.66 9.37 13.93
N ALA B 97 42.80 9.00 14.48
CA ALA B 97 43.09 9.30 15.87
C ALA B 97 44.57 9.66 16.03
N ARG B 98 44.86 10.37 17.13
CA ARG B 98 46.21 10.80 17.47
C ARG B 98 46.74 9.94 18.61
N ARG B 99 47.83 9.21 18.35
CA ARG B 99 48.41 8.37 19.39
C ARG B 99 48.99 9.22 20.50
N GLU B 100 49.03 8.65 21.70
CA GLU B 100 49.63 9.31 22.84
C GLU B 100 50.81 8.49 23.35
N GLY B 101 51.17 8.67 24.61
CA GLY B 101 52.23 7.87 25.20
C GLY B 101 53.61 8.19 24.64
N GLY B 102 54.55 7.29 24.92
CA GLY B 102 55.94 7.50 24.57
C GLY B 102 56.26 7.06 23.15
N GLN B 103 57.57 6.99 22.88
CA GLN B 103 58.04 6.68 21.53
C GLN B 103 57.72 5.24 21.13
N ALA B 104 57.72 4.32 22.09
CA ALA B 104 57.56 2.91 21.79
C ALA B 104 56.20 2.40 22.26
N GLY B 105 55.67 1.43 21.52
CA GLY B 105 54.49 0.71 21.92
C GLY B 105 53.19 1.42 21.60
N PRO B 106 52.08 0.71 21.73
CA PRO B 106 50.76 1.33 21.54
C PRO B 106 50.40 2.25 22.69
N ALA B 107 49.34 3.01 22.47
CA ALA B 107 48.88 3.93 23.49
C ALA B 107 47.40 4.23 23.28
N TRP B 108 46.81 4.94 24.24
CA TRP B 108 45.44 5.38 24.20
C TRP B 108 45.29 6.56 23.24
N PHE B 109 44.05 6.87 22.88
CA PHE B 109 43.74 7.93 21.94
C PHE B 109 42.81 8.93 22.61
N VAL B 110 43.28 10.17 22.80
CA VAL B 110 42.46 11.21 23.39
C VAL B 110 41.53 11.80 22.34
N TYR B 111 42.09 12.26 21.23
CA TYR B 111 41.35 12.95 20.19
C TYR B 111 41.02 11.99 19.06
N TRP B 112 39.73 11.91 18.73
CA TRP B 112 39.25 11.11 17.62
C TRP B 112 38.58 12.03 16.61
N GLY B 113 38.53 11.58 15.36
CA GLY B 113 37.77 12.26 14.34
C GLY B 113 36.33 11.75 14.30
N GLN B 114 35.52 12.43 13.49
CA GLN B 114 34.14 11.99 13.31
C GLN B 114 34.04 10.71 12.51
N GLY B 115 35.06 10.40 11.71
CA GLY B 115 35.12 9.11 11.04
C GLY B 115 34.48 9.07 9.66
N THR B 116 35.09 8.31 8.76
CA THR B 116 34.55 8.06 7.44
C THR B 116 33.85 6.70 7.42
N LEU B 117 32.69 6.64 6.76
CA LEU B 117 31.98 5.39 6.60
C LEU B 117 32.43 4.73 5.31
N VAL B 118 32.81 3.46 5.41
CA VAL B 118 33.21 2.64 4.27
C VAL B 118 32.28 1.44 4.21
N THR B 119 31.62 1.25 3.07
CA THR B 119 30.67 0.16 2.89
C THR B 119 31.14 -0.69 1.71
N VAL B 120 31.53 -1.93 2.00
CA VAL B 120 31.96 -2.88 0.97
C VAL B 120 30.78 -3.79 0.67
N SER B 121 30.29 -3.73 -0.57
CA SER B 121 29.11 -4.50 -0.97
C SER B 121 29.08 -4.64 -2.48
N ALA B 122 28.58 -5.77 -2.95
CA ALA B 122 28.39 -6.03 -4.36
C ALA B 122 26.95 -5.77 -4.80
N ALA B 123 26.09 -5.32 -3.89
CA ALA B 123 24.69 -5.11 -4.22
C ALA B 123 24.52 -3.84 -5.05
N LYS B 124 23.67 -3.93 -6.06
CA LYS B 124 23.31 -2.75 -6.85
C LYS B 124 22.12 -2.04 -6.21
N THR B 125 21.90 -0.80 -6.62
CA THR B 125 20.80 -0.02 -6.06
C THR B 125 19.48 -0.70 -6.37
N THR B 126 18.80 -1.17 -5.31
CA THR B 126 17.56 -1.92 -5.46
C THR B 126 16.46 -1.26 -4.63
N PRO B 127 15.29 -1.03 -5.20
CA PRO B 127 14.18 -0.43 -4.44
C PRO B 127 13.61 -1.44 -3.46
N PRO B 128 13.07 -0.97 -2.34
CA PRO B 128 12.46 -1.89 -1.38
C PRO B 128 11.13 -2.42 -1.89
N SER B 129 10.80 -3.63 -1.44
CA SER B 129 9.46 -4.18 -1.60
C SER B 129 8.72 -3.95 -0.29
N VAL B 130 7.58 -3.26 -0.36
CA VAL B 130 6.85 -2.79 0.82
C VAL B 130 5.60 -3.63 0.97
N TYR B 131 5.48 -4.30 2.10
CA TYR B 131 4.42 -5.26 2.33
C TYR B 131 3.58 -4.85 3.53
N PRO B 132 2.25 -4.89 3.43
CA PRO B 132 1.43 -4.53 4.58
C PRO B 132 1.31 -5.69 5.55
N LEU B 133 1.29 -5.34 6.84
CA LEU B 133 1.19 -6.33 7.91
C LEU B 133 -0.16 -6.15 8.59
N ALA B 134 -1.02 -7.15 8.44
CA ALA B 134 -2.35 -7.15 9.02
C ALA B 134 -2.52 -8.34 9.95
N PRO B 135 -3.13 -8.14 11.12
CA PRO B 135 -3.29 -9.25 12.07
C PRO B 135 -4.27 -10.29 11.55
N GLY B 136 -4.06 -11.53 11.96
CA GLY B 136 -4.92 -12.63 11.57
C GLY B 136 -6.21 -12.70 12.36
N ALA B 139 -9.44 -10.24 15.70
CA ALA B 139 -10.54 -10.58 16.59
C ALA B 139 -10.82 -9.45 17.58
N GLN B 140 -9.94 -8.45 17.57
CA GLN B 140 -10.04 -7.30 18.48
C GLN B 140 -10.11 -7.76 19.93
N THR B 141 -9.25 -8.72 20.28
CA THR B 141 -9.20 -9.23 21.65
C THR B 141 -8.85 -8.11 22.63
N ASN B 142 -7.68 -7.51 22.45
CA ASN B 142 -7.29 -6.36 23.25
C ASN B 142 -8.00 -5.11 22.76
N SER B 143 -7.99 -4.06 23.60
CA SER B 143 -8.53 -2.78 23.19
C SER B 143 -7.66 -2.09 22.14
N MET B 144 -6.40 -2.49 22.03
CA MET B 144 -5.49 -1.95 21.03
C MET B 144 -5.25 -2.98 19.93
N VAL B 145 -5.01 -2.49 18.72
CA VAL B 145 -4.68 -3.32 17.56
C VAL B 145 -3.33 -2.86 17.03
N THR B 146 -2.47 -3.81 16.69
CA THR B 146 -1.12 -3.52 16.22
C THR B 146 -1.02 -3.82 14.73
N LEU B 147 -0.69 -2.81 13.95
CA LEU B 147 -0.40 -2.95 12.53
C LEU B 147 1.10 -2.82 12.31
N GLY B 148 1.54 -3.26 11.13
CA GLY B 148 2.97 -3.26 10.82
C GLY B 148 3.21 -2.98 9.35
N CYS B 149 4.51 -2.93 9.01
CA CYS B 149 4.92 -2.64 7.65
C CYS B 149 6.31 -3.21 7.44
N LEU B 150 6.46 -4.08 6.45
CA LEU B 150 7.75 -4.71 6.15
C LEU B 150 8.36 -4.00 4.94
N VAL B 151 9.60 -3.52 5.10
CA VAL B 151 10.34 -2.87 4.04
C VAL B 151 11.50 -3.80 3.69
N LYS B 152 11.42 -4.48 2.55
CA LYS B 152 12.33 -5.59 2.27
C LYS B 152 13.08 -5.39 0.96
N GLY B 153 14.37 -5.77 1.00
CA GLY B 153 15.18 -5.91 -0.18
C GLY B 153 15.61 -4.63 -0.86
N TYR B 154 16.17 -3.70 -0.09
CA TYR B 154 16.57 -2.40 -0.60
C TYR B 154 18.06 -2.17 -0.34
N PHE B 155 18.71 -1.53 -1.31
CA PHE B 155 20.11 -1.12 -1.19
C PHE B 155 20.29 0.16 -2.00
N PRO B 156 21.05 1.14 -1.50
CA PRO B 156 21.64 1.18 -0.15
C PRO B 156 20.68 1.74 0.90
N GLU B 157 21.22 2.08 2.05
CA GLU B 157 20.44 2.75 3.07
C GLU B 157 20.44 4.26 2.84
N PRO B 158 19.51 5.00 3.47
CA PRO B 158 18.42 4.56 4.35
C PRO B 158 17.05 4.55 3.67
N VAL B 159 16.03 4.16 4.43
CA VAL B 159 14.64 4.29 4.00
C VAL B 159 13.88 5.05 5.09
N THR B 160 13.10 6.04 4.68
CA THR B 160 12.27 6.79 5.60
C THR B 160 10.93 6.08 5.72
N VAL B 161 10.56 5.72 6.95
CA VAL B 161 9.31 5.03 7.23
C VAL B 161 8.50 5.87 8.20
N THR B 162 7.33 6.31 7.76
CA THR B 162 6.42 7.07 8.61
C THR B 162 5.00 6.56 8.40
N TRP B 163 4.12 6.88 9.34
CA TRP B 163 2.74 6.42 9.33
C TRP B 163 1.82 7.61 9.18
N ASN B 164 0.96 7.56 8.16
CA ASN B 164 0.03 8.66 7.85
C ASN B 164 0.78 9.99 7.74
N SER B 165 1.94 9.95 7.08
CA SER B 165 2.76 11.14 6.83
C SER B 165 3.11 11.85 8.14
N GLY B 166 3.33 11.08 9.20
CA GLY B 166 3.70 11.63 10.49
C GLY B 166 2.54 11.81 11.45
N SER B 167 1.30 11.63 11.00
CA SER B 167 0.17 11.77 11.91
C SER B 167 0.19 10.73 13.01
N LEU B 168 0.65 9.52 12.71
CA LEU B 168 0.79 8.46 13.71
C LEU B 168 2.22 8.51 14.23
N SER B 169 2.43 9.18 15.35
CA SER B 169 3.74 9.25 16.00
C SER B 169 3.79 8.41 17.26
N SER B 170 2.78 8.51 18.11
CA SER B 170 2.74 7.76 19.36
C SER B 170 2.49 6.29 19.08
N GLY B 171 3.22 5.43 19.81
CA GLY B 171 3.10 4.00 19.60
C GLY B 171 3.60 3.51 18.27
N VAL B 172 4.68 4.11 17.75
CA VAL B 172 5.32 3.67 16.51
C VAL B 172 6.69 3.12 16.85
N HIS B 173 6.95 1.88 16.44
CA HIS B 173 8.26 1.25 16.62
C HIS B 173 8.84 0.95 15.24
N THR B 174 10.01 1.51 14.95
CA THR B 174 10.72 1.21 13.70
C THR B 174 12.01 0.50 14.05
N PHE B 175 12.05 -0.80 13.82
CA PHE B 175 13.20 -1.63 14.16
C PHE B 175 14.32 -1.42 13.14
N PRO B 176 15.58 -1.41 13.59
CA PRO B 176 16.69 -1.14 12.67
C PRO B 176 16.74 -2.14 11.51
N ALA B 177 17.48 -1.76 10.48
CA ALA B 177 17.58 -2.59 9.29
C ALA B 177 18.54 -3.75 9.52
N VAL B 178 18.26 -4.86 8.86
CA VAL B 178 19.09 -6.06 8.93
C VAL B 178 19.53 -6.42 7.52
N LEU B 179 20.72 -7.01 7.42
CA LEU B 179 21.29 -7.40 6.14
C LEU B 179 20.89 -8.83 5.81
N GLN B 180 20.19 -9.01 4.68
CA GLN B 180 19.82 -10.33 4.19
C GLN B 180 20.15 -10.40 2.70
N SER B 181 21.08 -11.29 2.34
CA SER B 181 21.47 -11.51 0.95
C SER B 181 21.94 -10.21 0.29
N ASP B 182 22.89 -9.55 0.95
CA ASP B 182 23.46 -8.27 0.51
C ASP B 182 22.43 -7.16 0.39
N LEU B 183 21.22 -7.36 0.88
CA LEU B 183 20.18 -6.34 0.87
C LEU B 183 19.70 -6.07 2.28
N TYR B 184 19.00 -4.96 2.45
CA TYR B 184 18.51 -4.55 3.76
C TYR B 184 17.02 -4.83 3.90
N THR B 185 16.59 -5.03 5.14
CA THR B 185 15.18 -5.29 5.44
C THR B 185 14.88 -4.80 6.85
N LEU B 186 13.92 -3.88 6.98
CA LEU B 186 13.46 -3.44 8.29
C LEU B 186 11.94 -3.60 8.36
N SER B 187 11.42 -3.39 9.57
CA SER B 187 9.99 -3.44 9.83
C SER B 187 9.61 -2.29 10.74
N SER B 188 8.37 -1.84 10.60
CA SER B 188 7.83 -0.78 11.44
C SER B 188 6.45 -1.19 11.92
N SER B 189 6.21 -1.03 13.23
CA SER B 189 4.94 -1.38 13.84
C SER B 189 4.27 -0.14 14.41
N VAL B 190 2.96 -0.05 14.22
CA VAL B 190 2.15 1.02 14.79
C VAL B 190 0.99 0.39 15.54
N THR B 191 0.69 0.93 16.72
CA THR B 191 -0.41 0.48 17.54
C THR B 191 -1.47 1.57 17.64
N VAL B 192 -2.70 1.24 17.28
CA VAL B 192 -3.80 2.21 17.29
C VAL B 192 -4.97 1.61 18.05
N PRO B 193 -5.90 2.44 18.51
CA PRO B 193 -7.10 1.92 19.17
C PRO B 193 -7.92 1.04 18.22
N SER B 194 -8.65 0.09 18.80
CA SER B 194 -9.41 -0.85 17.99
C SER B 194 -10.59 -0.19 17.30
N SER B 195 -11.12 0.89 17.87
CA SER B 195 -12.27 1.55 17.26
C SER B 195 -11.91 2.31 15.99
N THR B 196 -10.63 2.65 15.79
CA THR B 196 -10.23 3.39 14.61
C THR B 196 -10.06 2.49 13.39
N TRP B 197 -9.25 1.45 13.53
CA TRP B 197 -8.97 0.48 12.46
C TRP B 197 -9.93 -0.70 12.56
N PRO B 198 -10.42 -1.24 11.43
CA PRO B 198 -10.11 -0.86 10.05
C PRO B 198 -10.98 0.27 9.50
N SER B 199 -11.80 0.88 10.36
CA SER B 199 -12.69 1.95 9.90
C SER B 199 -11.89 3.15 9.40
N GLU B 200 -10.91 3.59 10.17
CA GLU B 200 -10.05 4.69 9.77
C GLU B 200 -8.80 4.17 9.08
N THR B 201 -8.21 5.01 8.22
CA THR B 201 -7.15 4.59 7.34
C THR B 201 -5.79 4.75 8.00
N VAL B 202 -5.02 3.66 8.02
CA VAL B 202 -3.64 3.66 8.50
C VAL B 202 -2.75 3.31 7.31
N THR B 203 -1.92 4.26 6.90
CA THR B 203 -1.07 4.11 5.72
C THR B 203 0.39 4.14 6.13
N CYS B 204 1.14 3.13 5.70
CA CYS B 204 2.58 3.06 5.88
C CYS B 204 3.26 3.79 4.74
N ASN B 205 4.02 4.83 5.05
CA ASN B 205 4.70 5.64 4.05
C ASN B 205 6.18 5.32 4.07
N VAL B 206 6.68 4.75 2.96
CA VAL B 206 8.08 4.40 2.80
C VAL B 206 8.65 5.18 1.64
N ALA B 207 9.88 5.66 1.79
CA ALA B 207 10.58 6.38 0.74
C ALA B 207 12.04 5.97 0.73
N HIS B 208 12.52 5.53 -0.43
CA HIS B 208 13.93 5.18 -0.59
C HIS B 208 14.58 6.21 -1.50
N PRO B 209 15.41 7.10 -0.98
CA PRO B 209 15.98 8.17 -1.83
C PRO B 209 17.00 7.66 -2.82
N ALA B 210 17.63 6.51 -2.56
CA ALA B 210 18.70 6.04 -3.43
C ALA B 210 18.16 5.58 -4.78
N SER B 211 17.02 4.88 -4.77
CA SER B 211 16.34 4.51 -5.99
C SER B 211 15.24 5.48 -6.35
N SER B 212 15.06 6.53 -5.53
CA SER B 212 14.01 7.54 -5.73
C SER B 212 12.65 6.89 -5.82
N THR B 213 12.31 6.08 -4.81
CA THR B 213 11.06 5.34 -4.77
C THR B 213 10.25 5.75 -3.55
N LYS B 214 8.95 5.91 -3.74
CA LYS B 214 8.02 6.25 -2.67
C LYS B 214 6.77 5.40 -2.81
N VAL B 215 6.47 4.58 -1.80
CA VAL B 215 5.31 3.70 -1.84
C VAL B 215 4.50 3.93 -0.57
N ASP B 216 3.23 4.28 -0.74
CA ASP B 216 2.31 4.46 0.37
C ASP B 216 1.41 3.23 0.43
N LYS B 217 1.50 2.45 1.51
CA LYS B 217 0.82 1.17 1.60
C LYS B 217 -0.35 1.26 2.58
N LYS B 218 -1.56 1.03 2.06
CA LYS B 218 -2.74 0.99 2.90
C LYS B 218 -2.85 -0.37 3.59
N ILE B 219 -3.07 -0.36 4.90
CA ILE B 219 -3.19 -1.59 5.68
C ILE B 219 -4.64 -2.06 5.60
N VAL B 220 -4.85 -3.19 4.97
CA VAL B 220 -6.18 -3.74 4.71
C VAL B 220 -6.34 -5.02 5.53
N PRO B 221 -7.45 -5.22 6.23
CA PRO B 221 -7.67 -6.48 6.93
C PRO B 221 -7.67 -7.66 5.97
N ARG B 222 -7.30 -8.82 6.49
CA ARG B 222 -7.04 -9.99 5.66
C ARG B 222 -8.35 -10.57 5.14
N ASP B 223 -8.58 -10.45 3.85
CA ASP B 223 -9.71 -11.11 3.20
C ASP B 223 -9.51 -12.62 3.24
N CYS B 224 -10.58 -13.34 3.56
CA CYS B 224 -10.52 -14.79 3.66
C CYS B 224 -11.54 -15.50 2.78
N GLY B 225 -12.35 -14.76 2.02
CA GLY B 225 -13.36 -15.38 1.17
C GLY B 225 -12.94 -15.45 -0.29
N VAL C 9 65.95 0.89 20.15
CA VAL C 9 64.52 0.89 20.43
C VAL C 9 63.84 -0.20 19.61
N THR C 10 62.95 -0.96 20.25
CA THR C 10 62.11 -1.95 19.56
C THR C 10 60.66 -1.51 19.68
N GLY C 11 60.01 -1.30 18.53
CA GLY C 11 58.66 -0.82 18.49
C GLY C 11 58.51 0.68 18.48
N ILE C 12 59.46 1.42 17.90
CA ILE C 12 59.45 2.87 17.95
C ILE C 12 58.32 3.43 17.09
N ARG C 13 57.65 4.45 17.61
CA ARG C 13 56.66 5.21 16.86
C ARG C 13 56.90 6.71 16.94
N ILE C 14 58.00 7.13 17.58
CA ILE C 14 58.41 8.52 17.63
C ILE C 14 59.93 8.55 17.44
N GLU C 15 60.37 9.04 16.28
CA GLU C 15 61.80 9.20 16.04
C GLU C 15 62.34 10.39 16.84
N ASP C 16 63.62 10.29 17.21
CA ASP C 16 64.29 11.35 17.95
C ASP C 16 64.38 12.63 17.12
N ASP D 1 -19.79 -9.38 -38.08
CA ASP D 1 -21.19 -9.67 -37.80
C ASP D 1 -22.06 -8.44 -38.02
N ILE D 2 -23.38 -8.62 -37.87
CA ILE D 2 -24.32 -7.52 -38.09
C ILE D 2 -24.23 -6.55 -36.92
N VAL D 3 -23.83 -5.33 -37.21
CA VAL D 3 -23.71 -4.30 -36.19
C VAL D 3 -25.01 -3.51 -36.11
N MET D 4 -25.54 -3.35 -34.90
CA MET D 4 -26.77 -2.61 -34.66
C MET D 4 -26.43 -1.24 -34.10
N THR D 5 -27.05 -0.20 -34.64
CA THR D 5 -26.80 1.17 -34.23
C THR D 5 -28.13 1.84 -33.91
N GLN D 6 -28.24 2.41 -32.72
CA GLN D 6 -29.43 3.12 -32.29
C GLN D 6 -29.16 4.62 -32.23
N SER D 7 -30.17 5.41 -32.58
CA SER D 7 -30.06 6.85 -32.60
C SER D 7 -31.39 7.46 -32.20
N PRO D 8 -31.39 8.47 -31.30
CA PRO D 8 -30.17 8.92 -30.63
C PRO D 8 -29.95 8.18 -29.30
N SER D 9 -28.80 8.43 -28.66
CA SER D 9 -28.48 7.74 -27.42
C SER D 9 -29.46 8.12 -26.31
N SER D 10 -29.89 9.38 -26.27
CA SER D 10 -30.88 9.84 -25.30
C SER D 10 -31.99 10.56 -26.04
N LEU D 11 -33.20 10.49 -25.48
CA LEU D 11 -34.38 11.04 -26.13
C LEU D 11 -35.24 11.74 -25.09
N ALA D 12 -35.25 13.07 -25.13
CA ALA D 12 -36.07 13.86 -24.23
C ALA D 12 -37.51 13.90 -24.75
N MET D 13 -38.47 13.67 -23.86
CA MET D 13 -39.87 13.57 -24.24
C MET D 13 -40.75 14.28 -23.23
N SER D 14 -41.93 14.68 -23.69
CA SER D 14 -42.99 15.19 -22.84
C SER D 14 -44.14 14.19 -22.82
N VAL D 15 -44.89 14.19 -21.72
CA VAL D 15 -45.98 13.24 -21.56
C VAL D 15 -47.07 13.53 -22.58
N GLY D 16 -47.37 12.56 -23.43
CA GLY D 16 -48.42 12.69 -24.41
C GLY D 16 -47.96 13.03 -25.81
N GLN D 17 -46.66 13.24 -26.03
CA GLN D 17 -46.14 13.60 -27.34
C GLN D 17 -45.66 12.36 -28.09
N LYS D 18 -45.59 12.48 -29.41
CA LYS D 18 -45.08 11.39 -30.22
C LYS D 18 -43.57 11.26 -30.05
N VAL D 19 -43.11 10.02 -29.88
CA VAL D 19 -41.70 9.72 -29.66
C VAL D 19 -41.27 8.68 -30.67
N THR D 20 -40.19 8.97 -31.38
CA THR D 20 -39.66 8.07 -32.41
C THR D 20 -38.21 7.74 -32.10
N MET D 21 -37.89 6.45 -32.11
CA MET D 21 -36.54 5.95 -31.96
C MET D 21 -36.10 5.28 -33.26
N ASN D 22 -34.80 5.22 -33.47
CA ASN D 22 -34.23 4.67 -34.69
C ASN D 22 -33.29 3.52 -34.37
N CYS D 23 -33.23 2.57 -35.29
CA CYS D 23 -32.37 1.39 -35.16
C CYS D 23 -31.83 1.06 -36.55
N LYS D 24 -30.54 1.23 -36.75
CA LYS D 24 -29.91 1.03 -38.04
C LYS D 24 -29.13 -0.27 -38.06
N SER D 25 -29.29 -1.03 -39.14
CA SER D 25 -28.62 -2.31 -39.30
C SER D 25 -27.52 -2.20 -40.35
N SER D 26 -26.43 -2.94 -40.13
CA SER D 26 -25.34 -2.96 -41.11
C SER D 26 -25.76 -3.71 -42.36
N GLN D 27 -26.44 -4.84 -42.19
CA GLN D 27 -26.95 -5.63 -43.30
C GLN D 27 -28.46 -5.47 -43.41
N SER D 28 -29.00 -5.96 -44.53
CA SER D 28 -30.44 -6.01 -44.73
C SER D 28 -31.01 -7.16 -43.91
N LEU D 29 -31.93 -6.84 -43.00
CA LEU D 29 -32.60 -7.86 -42.20
C LEU D 29 -33.87 -8.38 -42.85
N LEU D 30 -34.08 -8.08 -44.13
CA LEU D 30 -35.26 -8.52 -44.86
C LEU D 30 -34.96 -9.79 -45.63
N ASN D 31 -35.78 -10.82 -45.41
CA ASN D 31 -35.67 -12.06 -46.17
C ASN D 31 -36.53 -11.97 -47.43
N SER D 32 -35.96 -12.43 -48.55
CA SER D 32 -36.67 -12.35 -49.82
C SER D 32 -37.88 -13.28 -49.85
N SER D 33 -37.67 -14.55 -49.53
CA SER D 33 -38.75 -15.52 -49.56
C SER D 33 -39.74 -15.36 -48.41
N ASN D 34 -39.33 -14.71 -47.31
CA ASN D 34 -40.24 -14.44 -46.20
C ASN D 34 -40.89 -13.07 -46.30
N GLN D 35 -40.20 -12.09 -46.89
CA GLN D 35 -40.68 -10.72 -46.99
C GLN D 35 -41.02 -10.15 -45.62
N LYS D 36 -40.18 -10.46 -44.63
CA LYS D 36 -40.34 -9.93 -43.29
C LYS D 36 -38.95 -9.70 -42.69
N ASN D 37 -38.89 -8.81 -41.71
CA ASN D 37 -37.62 -8.36 -41.14
C ASN D 37 -37.40 -9.01 -39.78
N TYR D 38 -36.19 -9.53 -39.58
CA TYR D 38 -35.84 -10.25 -38.35
C TYR D 38 -35.28 -9.26 -37.34
N LEU D 39 -36.17 -8.39 -36.86
CA LEU D 39 -35.79 -7.32 -35.94
C LEU D 39 -36.82 -7.25 -34.82
N ALA D 40 -36.34 -7.17 -33.58
CA ALA D 40 -37.21 -7.10 -32.41
C ALA D 40 -36.82 -5.91 -31.55
N TRP D 41 -37.80 -5.38 -30.82
CA TRP D 41 -37.60 -4.27 -29.91
C TRP D 41 -37.80 -4.73 -28.48
N TYR D 42 -36.97 -4.22 -27.57
CA TYR D 42 -37.01 -4.59 -26.16
C TYR D 42 -37.07 -3.34 -25.30
N GLN D 43 -37.69 -3.47 -24.13
CA GLN D 43 -37.79 -2.41 -23.15
C GLN D 43 -37.25 -2.90 -21.82
N GLN D 44 -36.53 -2.04 -21.11
CA GLN D 44 -35.94 -2.40 -19.82
C GLN D 44 -36.02 -1.20 -18.88
N LYS D 45 -36.93 -1.28 -17.91
CA LYS D 45 -36.95 -0.31 -16.83
C LYS D 45 -35.76 -0.55 -15.90
N PRO D 46 -35.31 0.48 -15.19
CA PRO D 46 -34.17 0.31 -14.27
C PRO D 46 -34.48 -0.73 -13.20
N GLY D 47 -33.61 -1.73 -13.09
CA GLY D 47 -33.76 -2.75 -12.08
C GLY D 47 -34.64 -3.91 -12.47
N GLN D 48 -34.96 -4.07 -13.75
CA GLN D 48 -35.80 -5.17 -14.23
C GLN D 48 -35.10 -5.85 -15.40
N SER D 49 -35.74 -6.90 -15.90
CA SER D 49 -35.25 -7.64 -17.06
C SER D 49 -35.85 -7.05 -18.33
N PRO D 50 -35.20 -7.27 -19.48
CA PRO D 50 -35.75 -6.74 -20.74
C PRO D 50 -37.12 -7.30 -21.04
N LYS D 51 -37.95 -6.46 -21.67
CA LYS D 51 -39.33 -6.80 -21.99
C LYS D 51 -39.53 -6.63 -23.49
N LEU D 52 -39.90 -7.72 -24.17
CA LEU D 52 -40.13 -7.66 -25.60
C LEU D 52 -41.39 -6.85 -25.91
N LEU D 53 -41.27 -5.88 -26.82
CA LEU D 53 -42.40 -5.09 -27.27
C LEU D 53 -42.85 -5.48 -28.66
N VAL D 54 -41.98 -5.32 -29.66
CA VAL D 54 -42.30 -5.58 -31.05
C VAL D 54 -41.29 -6.58 -31.60
N TYR D 55 -41.79 -7.59 -32.30
CA TYR D 55 -40.94 -8.53 -33.01
C TYR D 55 -41.35 -8.56 -34.48
N PHE D 56 -40.46 -9.09 -35.31
CA PHE D 56 -40.66 -9.13 -36.77
C PHE D 56 -41.02 -7.74 -37.30
N ALA D 57 -40.12 -6.79 -37.01
CA ALA D 57 -40.18 -5.42 -37.48
C ALA D 57 -41.35 -4.63 -36.90
N SER D 58 -42.58 -5.12 -37.10
CA SER D 58 -43.77 -4.35 -36.73
C SER D 58 -44.80 -5.12 -35.91
N THR D 59 -44.71 -6.45 -35.83
CA THR D 59 -45.67 -7.21 -35.04
C THR D 59 -45.44 -6.96 -33.55
N ARG D 60 -46.51 -6.70 -32.82
CA ARG D 60 -46.45 -6.26 -31.42
C ARG D 60 -46.91 -7.38 -30.51
N GLU D 61 -46.16 -7.61 -29.43
CA GLU D 61 -46.49 -8.65 -28.48
C GLU D 61 -47.80 -8.35 -27.75
N SER D 62 -48.51 -9.41 -27.38
CA SER D 62 -49.76 -9.25 -26.64
C SER D 62 -49.49 -8.66 -25.26
N GLY D 63 -50.39 -7.77 -24.83
CA GLY D 63 -50.23 -7.07 -23.59
C GLY D 63 -49.42 -5.79 -23.68
N VAL D 64 -48.71 -5.57 -24.78
CA VAL D 64 -47.94 -4.35 -25.02
C VAL D 64 -48.94 -3.27 -25.44
N PRO D 65 -48.84 -2.06 -24.89
CA PRO D 65 -49.82 -1.02 -25.21
C PRO D 65 -49.84 -0.71 -26.70
N ASP D 66 -50.98 -0.18 -27.15
CA ASP D 66 -51.16 0.18 -28.55
C ASP D 66 -50.38 1.44 -28.95
N ARG D 67 -49.80 2.15 -27.97
CA ARG D 67 -49.02 3.33 -28.32
C ARG D 67 -47.72 2.96 -29.01
N PHE D 68 -47.14 1.81 -28.67
CA PHE D 68 -45.94 1.34 -29.32
C PHE D 68 -46.28 0.78 -30.70
N ILE D 69 -45.64 1.33 -31.74
CA ILE D 69 -45.86 0.88 -33.11
C ILE D 69 -44.50 0.68 -33.75
N GLY D 70 -44.20 -0.56 -34.14
CA GLY D 70 -42.98 -0.84 -34.86
C GLY D 70 -43.11 -0.58 -36.35
N SER D 71 -41.99 -0.22 -36.98
CA SER D 71 -42.00 0.12 -38.38
C SER D 71 -40.58 0.00 -38.93
N GLY D 72 -40.47 0.04 -40.25
CA GLY D 72 -39.19 -0.04 -40.92
C GLY D 72 -38.95 -1.40 -41.55
N SER D 73 -37.98 -1.44 -42.46
CA SER D 73 -37.63 -2.67 -43.15
C SER D 73 -36.23 -2.52 -43.72
N GLY D 74 -35.62 -3.66 -44.04
CA GLY D 74 -34.27 -3.67 -44.57
C GLY D 74 -33.23 -3.42 -43.50
N THR D 75 -32.52 -2.30 -43.61
CA THR D 75 -31.49 -1.92 -42.65
C THR D 75 -31.85 -0.67 -41.85
N ASP D 76 -33.10 -0.22 -41.92
CA ASP D 76 -33.57 0.92 -41.15
C ASP D 76 -34.90 0.59 -40.51
N PHE D 77 -35.00 0.83 -39.19
CA PHE D 77 -36.21 0.52 -38.44
C PHE D 77 -36.54 1.66 -37.50
N THR D 78 -37.76 1.65 -37.00
CA THR D 78 -38.26 2.75 -36.17
C THR D 78 -39.27 2.23 -35.16
N LEU D 79 -39.07 2.58 -33.89
CA LEU D 79 -40.02 2.30 -32.83
C LEU D 79 -40.66 3.62 -32.41
N THR D 80 -41.98 3.71 -32.56
CA THR D 80 -42.71 4.94 -32.29
C THR D 80 -43.65 4.75 -31.10
N ILE D 81 -43.69 5.77 -30.24
CA ILE D 81 -44.60 5.80 -29.10
C ILE D 81 -45.54 6.98 -29.33
N SER D 82 -46.75 6.69 -29.79
CA SER D 82 -47.75 7.72 -29.97
C SER D 82 -48.40 8.06 -28.64
N SER D 83 -48.40 9.35 -28.29
CA SER D 83 -48.91 9.82 -27.00
C SER D 83 -48.20 9.12 -25.84
N ALA D 84 -46.89 9.38 -25.75
CA ALA D 84 -46.06 8.68 -24.78
C ALA D 84 -46.46 9.05 -23.35
N GLN D 85 -46.54 8.04 -22.50
CA GLN D 85 -46.91 8.20 -21.09
C GLN D 85 -45.66 8.11 -20.21
N ALA D 86 -45.83 8.53 -18.96
CA ALA D 86 -44.72 8.52 -18.01
C ALA D 86 -44.23 7.11 -17.70
N GLU D 87 -45.08 6.11 -17.89
CA GLU D 87 -44.69 4.72 -17.69
C GLU D 87 -43.83 4.18 -18.82
N ASP D 88 -43.52 5.00 -19.82
CA ASP D 88 -42.68 4.59 -20.94
C ASP D 88 -41.22 5.00 -20.75
N LEU D 89 -40.88 5.63 -19.63
CA LEU D 89 -39.52 6.08 -19.37
C LEU D 89 -38.67 4.87 -19.00
N ALA D 90 -37.86 4.40 -19.93
CA ALA D 90 -36.98 3.25 -19.72
C ALA D 90 -35.94 3.23 -20.83
N ASP D 91 -35.16 2.15 -20.88
CA ASP D 91 -34.23 1.91 -21.97
C ASP D 91 -34.90 1.05 -23.04
N TYR D 92 -34.49 1.26 -24.29
CA TYR D 92 -35.09 0.56 -25.42
C TYR D 92 -33.98 0.02 -26.31
N PHE D 93 -33.93 -1.29 -26.46
CA PHE D 93 -32.95 -1.97 -27.29
C PHE D 93 -33.62 -2.62 -28.50
N CYS D 94 -32.86 -2.74 -29.58
CA CYS D 94 -33.31 -3.43 -30.78
C CYS D 94 -32.35 -4.55 -31.10
N GLN D 95 -32.87 -5.73 -31.40
CA GLN D 95 -32.06 -6.92 -31.62
C GLN D 95 -32.44 -7.55 -32.94
N GLN D 96 -31.43 -7.85 -33.75
CA GLN D 96 -31.64 -8.59 -34.99
C GLN D 96 -31.44 -10.08 -34.75
N TYR D 97 -32.21 -10.88 -35.48
CA TYR D 97 -32.03 -12.33 -35.47
C TYR D 97 -31.99 -12.88 -36.89
N TYR D 98 -31.52 -12.05 -37.84
CA TYR D 98 -31.29 -12.52 -39.20
C TYR D 98 -30.09 -13.46 -39.24
N SER D 99 -29.05 -13.16 -38.47
CA SER D 99 -27.83 -13.96 -38.46
C SER D 99 -27.33 -14.14 -37.04
N THR D 100 -26.46 -15.14 -36.86
CA THR D 100 -25.80 -15.50 -35.61
C THR D 100 -24.41 -14.87 -35.56
N PRO D 101 -23.99 -14.30 -34.43
CA PRO D 101 -24.74 -14.16 -33.18
C PRO D 101 -25.82 -13.08 -33.22
N PRO D 102 -26.92 -13.30 -32.50
CA PRO D 102 -27.89 -12.22 -32.27
C PRO D 102 -27.19 -11.01 -31.66
N THR D 103 -27.37 -9.86 -32.30
CA THR D 103 -26.71 -8.63 -31.89
C THR D 103 -27.76 -7.59 -31.51
N PHE D 104 -27.56 -6.96 -30.36
CA PHE D 104 -28.45 -5.92 -29.85
C PHE D 104 -27.90 -4.54 -30.22
N GLY D 105 -28.74 -3.53 -30.04
CA GLY D 105 -28.30 -2.17 -30.22
C GLY D 105 -27.67 -1.61 -28.97
N ALA D 106 -27.08 -0.42 -29.10
CA ALA D 106 -26.49 0.25 -27.94
C ALA D 106 -27.55 0.66 -26.93
N GLY D 107 -28.74 0.97 -27.40
CA GLY D 107 -29.83 1.36 -26.53
C GLY D 107 -30.17 2.83 -26.66
N THR D 108 -31.43 3.15 -26.35
CA THR D 108 -31.91 4.53 -26.34
C THR D 108 -32.56 4.81 -25.00
N LYS D 109 -32.07 5.82 -24.30
CA LYS D 109 -32.60 6.20 -23.00
C LYS D 109 -33.73 7.20 -23.20
N LEU D 110 -34.97 6.76 -22.97
CA LEU D 110 -36.12 7.65 -23.08
C LEU D 110 -36.28 8.38 -21.75
N GLU D 111 -35.85 9.64 -21.71
CA GLU D 111 -35.89 10.45 -20.51
C GLU D 111 -36.90 11.58 -20.67
N LEU D 112 -37.24 12.20 -19.54
CA LEU D 112 -38.25 13.24 -19.52
C LEU D 112 -37.64 14.59 -19.88
N LYS D 113 -38.45 15.44 -20.51
CA LYS D 113 -38.04 16.77 -20.94
C LYS D 113 -38.41 17.80 -19.88
N ARG D 114 -37.56 18.80 -19.71
CA ARG D 114 -37.81 19.89 -18.77
C ARG D 114 -37.03 21.11 -19.23
N ALA D 115 -37.29 22.23 -18.56
CA ALA D 115 -36.66 23.49 -18.94
C ALA D 115 -35.17 23.47 -18.60
N ASP D 116 -34.36 24.01 -19.51
CA ASP D 116 -32.91 23.98 -19.35
C ASP D 116 -32.49 24.67 -18.06
N ALA D 117 -31.63 24.00 -17.29
CA ALA D 117 -31.11 24.54 -16.05
C ALA D 117 -29.58 24.49 -16.07
N ALA D 118 -28.97 25.46 -15.40
CA ALA D 118 -27.52 25.60 -15.41
C ALA D 118 -26.90 24.73 -14.32
N PRO D 119 -25.71 24.18 -14.57
CA PRO D 119 -25.05 23.33 -13.56
C PRO D 119 -24.44 24.17 -12.44
N THR D 120 -24.67 23.75 -11.21
CA THR D 120 -24.09 24.37 -10.03
C THR D 120 -22.75 23.70 -9.76
N VAL D 121 -21.67 24.30 -10.25
CA VAL D 121 -20.34 23.72 -10.21
C VAL D 121 -19.67 24.08 -8.89
N SER D 122 -19.01 23.11 -8.28
CA SER D 122 -18.27 23.30 -7.04
C SER D 122 -17.00 22.45 -7.10
N ILE D 123 -15.86 23.06 -6.78
CA ILE D 123 -14.58 22.37 -6.80
C ILE D 123 -14.09 22.21 -5.36
N PHE D 124 -13.40 21.10 -5.10
CA PHE D 124 -12.93 20.76 -3.76
C PHE D 124 -11.50 20.28 -3.84
N PRO D 125 -10.58 20.86 -3.07
CA PRO D 125 -9.19 20.38 -3.04
C PRO D 125 -9.11 19.07 -2.28
N PRO D 126 -7.99 18.34 -2.42
CA PRO D 126 -7.83 17.11 -1.65
C PRO D 126 -7.80 17.38 -0.16
N SER D 127 -8.44 16.50 0.60
CA SER D 127 -8.52 16.67 2.04
C SER D 127 -7.15 16.47 2.69
N SER D 128 -7.03 16.99 3.91
CA SER D 128 -5.80 16.81 4.67
C SER D 128 -5.61 15.35 5.06
N GLU D 129 -6.70 14.63 5.30
CA GLU D 129 -6.60 13.22 5.68
C GLU D 129 -6.03 12.38 4.54
N GLN D 130 -6.50 12.62 3.32
CA GLN D 130 -6.00 11.85 2.18
C GLN D 130 -4.53 12.18 1.90
N LEU D 131 -4.13 13.44 2.09
CA LEU D 131 -2.75 13.83 1.91
C LEU D 131 -1.82 13.07 2.84
N THR D 132 -2.29 12.72 4.04
CA THR D 132 -1.47 11.96 4.97
C THR D 132 -1.20 10.55 4.45
N SER D 133 -2.09 10.01 3.61
CA SER D 133 -1.89 8.70 3.02
C SER D 133 -1.09 8.76 1.73
N GLY D 134 -0.58 9.92 1.35
CA GLY D 134 0.15 10.09 0.13
C GLY D 134 -0.70 10.25 -1.11
N GLY D 135 -2.02 10.36 -0.97
CA GLY D 135 -2.89 10.55 -2.12
C GLY D 135 -3.53 11.92 -2.16
N ALA D 136 -4.03 12.31 -3.33
CA ALA D 136 -4.67 13.60 -3.50
C ALA D 136 -5.70 13.49 -4.60
N SER D 137 -6.96 13.77 -4.28
CA SER D 137 -8.07 13.68 -5.23
C SER D 137 -8.84 14.99 -5.21
N VAL D 138 -8.90 15.65 -6.37
CA VAL D 138 -9.66 16.86 -6.55
C VAL D 138 -11.02 16.49 -7.15
N VAL D 139 -12.09 16.82 -6.43
CA VAL D 139 -13.45 16.47 -6.84
C VAL D 139 -14.16 17.72 -7.31
N CYS D 140 -14.93 17.59 -8.39
CA CYS D 140 -15.72 18.68 -8.95
C CYS D 140 -17.16 18.20 -9.10
N PHE D 141 -18.07 18.79 -8.33
CA PHE D 141 -19.47 18.44 -8.38
C PHE D 141 -20.21 19.37 -9.34
N LEU D 142 -21.02 18.78 -10.22
CA LEU D 142 -21.85 19.52 -11.18
C LEU D 142 -23.24 18.92 -11.10
N ASN D 143 -24.11 19.50 -10.27
CA ASN D 143 -25.41 18.92 -9.98
C ASN D 143 -26.53 19.83 -10.46
N ASN D 144 -27.70 19.21 -10.68
CA ASN D 144 -28.94 19.92 -10.97
C ASN D 144 -28.84 20.73 -12.27
N PHE D 145 -28.49 20.05 -13.36
CA PHE D 145 -28.45 20.68 -14.67
C PHE D 145 -29.24 19.85 -15.66
N TYR D 146 -29.57 20.49 -16.79
CA TYR D 146 -30.28 19.88 -17.89
C TYR D 146 -30.09 20.78 -19.11
N PRO D 147 -29.86 20.22 -20.31
CA PRO D 147 -29.84 18.79 -20.63
C PRO D 147 -28.63 18.03 -20.11
N LYS D 148 -28.65 16.71 -20.33
CA LYS D 148 -27.62 15.83 -19.79
C LYS D 148 -26.27 16.07 -20.44
N ASP D 149 -26.26 16.45 -21.71
CA ASP D 149 -25.01 16.66 -22.44
C ASP D 149 -24.19 17.77 -21.78
N ILE D 150 -22.99 17.43 -21.33
CA ILE D 150 -22.12 18.39 -20.68
C ILE D 150 -20.68 18.06 -21.03
N ASN D 151 -19.82 19.08 -21.00
CA ASN D 151 -18.40 18.93 -21.28
C ASN D 151 -17.60 19.49 -20.11
N VAL D 152 -16.82 18.64 -19.45
CA VAL D 152 -16.04 19.02 -18.28
C VAL D 152 -14.58 18.74 -18.57
N LYS D 153 -13.70 19.67 -18.16
CA LYS D 153 -12.27 19.53 -18.37
C LYS D 153 -11.53 20.00 -17.13
N TRP D 154 -10.38 19.41 -16.88
CA TRP D 154 -9.51 19.77 -15.77
C TRP D 154 -8.30 20.54 -16.28
N LYS D 155 -8.06 21.72 -15.72
CA LYS D 155 -6.92 22.54 -16.07
C LYS D 155 -5.99 22.64 -14.87
N ILE D 156 -4.70 22.40 -15.09
CA ILE D 156 -3.68 22.51 -14.05
C ILE D 156 -2.60 23.44 -14.56
N ASP D 157 -2.48 24.62 -13.93
CA ASP D 157 -1.49 25.63 -14.30
C ASP D 157 -1.59 25.98 -15.78
N GLY D 158 -2.82 26.22 -16.23
CA GLY D 158 -3.07 26.54 -17.62
C GLY D 158 -2.89 25.39 -18.59
N SER D 159 -2.81 24.16 -18.09
CA SER D 159 -2.64 22.99 -18.92
C SER D 159 -3.69 21.94 -18.54
N GLU D 160 -4.16 21.21 -19.54
CA GLU D 160 -5.17 20.19 -19.31
C GLU D 160 -4.54 18.90 -18.79
N ARG D 161 -5.31 18.17 -17.98
CA ARG D 161 -4.95 16.84 -17.51
C ARG D 161 -6.07 15.88 -17.88
N GLN D 162 -5.71 14.75 -18.47
CA GLN D 162 -6.69 13.74 -18.85
C GLN D 162 -6.46 12.39 -18.19
N ASN D 163 -5.27 12.13 -17.67
CA ASN D 163 -5.00 10.86 -17.00
C ASN D 163 -5.47 10.94 -15.54
N GLY D 164 -6.05 9.84 -15.07
CA GLY D 164 -6.51 9.78 -13.69
C GLY D 164 -7.75 10.60 -13.42
N VAL D 165 -8.59 10.80 -14.43
CA VAL D 165 -9.85 11.53 -14.29
C VAL D 165 -10.99 10.53 -14.40
N LEU D 166 -11.87 10.52 -13.39
CA LEU D 166 -13.01 9.62 -13.37
C LEU D 166 -14.29 10.42 -13.19
N ASN D 167 -15.24 10.21 -14.09
CA ASN D 167 -16.53 10.90 -14.06
C ASN D 167 -17.64 9.93 -13.69
N SER D 168 -18.73 10.49 -13.18
CA SER D 168 -19.88 9.69 -12.79
C SER D 168 -21.13 10.54 -12.92
N TRP D 169 -22.11 10.05 -13.68
CA TRP D 169 -23.36 10.75 -13.89
C TRP D 169 -24.47 10.10 -13.08
N THR D 170 -25.34 10.93 -12.49
CA THR D 170 -26.53 10.43 -11.84
C THR D 170 -27.66 10.27 -12.87
N ASP D 171 -28.68 9.52 -12.48
CA ASP D 171 -29.86 9.44 -13.31
C ASP D 171 -30.69 10.72 -13.18
N GLN D 172 -31.68 10.84 -14.04
CA GLN D 172 -32.58 11.99 -13.99
C GLN D 172 -33.30 12.02 -12.65
N ASP D 173 -33.18 13.13 -11.93
CA ASP D 173 -33.79 13.24 -10.61
C ASP D 173 -35.30 13.13 -10.73
N SER D 174 -35.91 12.49 -9.73
CA SER D 174 -37.35 12.24 -9.79
C SER D 174 -38.16 13.50 -9.51
N LYS D 175 -37.60 14.44 -8.75
CA LYS D 175 -38.37 15.59 -8.31
C LYS D 175 -38.35 16.71 -9.35
N ASP D 176 -37.17 17.03 -9.87
CA ASP D 176 -37.01 18.17 -10.77
C ASP D 176 -36.44 17.81 -12.14
N SER D 177 -36.22 16.52 -12.41
CA SER D 177 -35.78 16.04 -13.74
C SER D 177 -34.47 16.70 -14.17
N THR D 178 -33.54 16.86 -13.23
CA THR D 178 -32.23 17.42 -13.52
C THR D 178 -31.18 16.31 -13.49
N TYR D 179 -29.94 16.68 -13.76
CA TYR D 179 -28.83 15.75 -13.77
C TYR D 179 -27.71 16.25 -12.89
N SER D 180 -26.89 15.32 -12.41
CA SER D 180 -25.75 15.64 -11.56
C SER D 180 -24.56 14.83 -12.02
N MET D 181 -23.43 15.51 -12.19
CA MET D 181 -22.18 14.87 -12.61
C MET D 181 -21.09 15.18 -11.61
N SER D 182 -20.32 14.15 -11.25
CA SER D 182 -19.15 14.29 -10.40
C SER D 182 -17.91 13.90 -11.20
N SER D 183 -16.84 14.68 -11.04
CA SER D 183 -15.57 14.43 -11.72
C SER D 183 -14.46 14.52 -10.69
N THR D 184 -13.66 13.48 -10.59
CA THR D 184 -12.58 13.39 -9.61
C THR D 184 -11.25 13.31 -10.34
N LEU D 185 -10.39 14.30 -10.11
CA LEU D 185 -9.03 14.29 -10.64
C LEU D 185 -8.13 13.67 -9.57
N THR D 186 -7.71 12.42 -9.80
CA THR D 186 -6.94 11.67 -8.83
C THR D 186 -5.46 11.79 -9.14
N LEU D 187 -4.67 12.16 -8.13
CA LEU D 187 -3.23 12.27 -8.26
C LEU D 187 -2.59 11.70 -7.00
N THR D 188 -1.26 11.78 -6.94
CA THR D 188 -0.52 11.46 -5.73
C THR D 188 -0.19 12.75 -4.98
N LYS D 189 0.36 12.59 -3.77
CA LYS D 189 0.74 13.76 -3.00
C LYS D 189 1.86 14.53 -3.68
N ASP D 190 2.85 13.84 -4.25
CA ASP D 190 3.95 14.51 -4.92
C ASP D 190 3.47 15.24 -6.17
N GLU D 191 2.68 14.56 -7.01
CA GLU D 191 2.16 15.18 -8.22
C GLU D 191 1.24 16.36 -7.90
N TYR D 192 0.52 16.30 -6.77
CA TYR D 192 -0.33 17.41 -6.39
C TYR D 192 0.47 18.60 -5.87
N GLU D 193 1.66 18.36 -5.33
CA GLU D 193 2.46 19.42 -4.74
C GLU D 193 3.40 20.09 -5.72
N ARG D 194 3.60 19.53 -6.91
CA ARG D 194 4.38 20.17 -7.96
C ARG D 194 3.53 21.05 -8.86
N HIS D 195 2.32 21.37 -8.44
CA HIS D 195 1.43 22.25 -9.20
C HIS D 195 0.62 23.08 -8.22
N ASN D 196 0.16 24.25 -8.68
CA ASN D 196 -0.47 25.22 -7.80
C ASN D 196 -1.90 25.56 -8.22
N SER D 197 -2.13 25.84 -9.48
CA SER D 197 -3.45 26.26 -9.95
C SER D 197 -4.22 25.04 -10.45
N TYR D 198 -5.35 24.75 -9.82
CA TYR D 198 -6.23 23.66 -10.22
C TYR D 198 -7.60 24.25 -10.54
N THR D 199 -8.08 24.03 -11.76
CA THR D 199 -9.36 24.55 -12.20
C THR D 199 -10.22 23.44 -12.77
N CYS D 200 -11.53 23.54 -12.55
CA CYS D 200 -12.52 22.63 -13.10
C CYS D 200 -13.40 23.43 -14.06
N GLU D 201 -13.28 23.16 -15.35
CA GLU D 201 -13.98 23.93 -16.38
C GLU D 201 -15.11 23.08 -16.95
N ALA D 202 -16.30 23.68 -17.07
CA ALA D 202 -17.47 23.03 -17.63
C ALA D 202 -18.04 23.90 -18.73
N THR D 203 -18.40 23.28 -19.85
CA THR D 203 -18.97 23.99 -21.00
C THR D 203 -20.34 23.39 -21.29
N HIS D 204 -21.35 23.83 -20.54
CA HIS D 204 -22.73 23.44 -20.78
C HIS D 204 -23.36 24.36 -21.82
N LYS D 205 -24.45 23.89 -22.43
CA LYS D 205 -25.10 24.68 -23.47
C LYS D 205 -25.80 25.92 -22.92
N THR D 206 -26.08 25.95 -21.61
CA THR D 206 -26.81 27.09 -21.06
C THR D 206 -25.98 28.36 -21.06
N SER D 207 -24.66 28.25 -20.93
CA SER D 207 -23.77 29.41 -20.91
C SER D 207 -22.85 29.34 -22.13
N THR D 208 -22.82 30.43 -22.90
CA THR D 208 -21.90 30.51 -24.03
C THR D 208 -20.45 30.53 -23.57
N SER D 209 -20.20 31.08 -22.38
CA SER D 209 -18.86 31.06 -21.80
C SER D 209 -18.78 29.98 -20.74
N PRO D 210 -17.70 29.19 -20.72
CA PRO D 210 -17.64 28.06 -19.78
C PRO D 210 -17.61 28.55 -18.33
N ILE D 211 -18.15 27.71 -17.45
CA ILE D 211 -18.18 27.98 -16.01
C ILE D 211 -16.87 27.49 -15.41
N VAL D 212 -16.14 28.39 -14.76
CA VAL D 212 -14.81 28.11 -14.24
C VAL D 212 -14.85 28.15 -12.72
N LYS D 213 -14.36 27.09 -12.09
CA LYS D 213 -14.17 27.03 -10.65
C LYS D 213 -12.75 26.56 -10.37
N SER D 214 -11.99 27.38 -9.63
CA SER D 214 -10.57 27.13 -9.44
C SER D 214 -10.21 27.24 -7.96
N PHE D 215 -8.99 26.82 -7.64
CA PHE D 215 -8.40 27.01 -6.33
C PHE D 215 -6.89 26.89 -6.48
N ASN D 216 -6.18 27.47 -5.51
CA ASN D 216 -4.73 27.42 -5.48
C ASN D 216 -4.29 26.52 -4.33
N ARG D 217 -3.40 25.58 -4.63
CA ARG D 217 -2.90 24.66 -3.60
C ARG D 217 -2.23 25.44 -2.46
N ASN D 218 -1.44 26.45 -2.80
CA ASN D 218 -0.73 27.25 -1.80
C ASN D 218 -1.58 28.43 -1.35
N GLU D 219 -2.78 28.11 -0.87
CA GLU D 219 -3.71 29.12 -0.36
C GLU D 219 -4.70 28.49 0.62
N GLU E 1 -48.21 -19.42 -16.82
CA GLU E 1 -47.26 -18.61 -16.05
C GLU E 1 -45.86 -19.19 -16.19
N VAL E 2 -45.06 -18.58 -17.05
CA VAL E 2 -43.70 -19.05 -17.32
C VAL E 2 -42.75 -18.56 -16.23
N GLN E 3 -41.80 -19.41 -15.86
CA GLN E 3 -40.83 -19.09 -14.82
C GLN E 3 -39.44 -19.49 -15.29
N LEU E 4 -38.47 -18.60 -15.09
CA LEU E 4 -37.06 -18.86 -15.41
C LEU E 4 -36.24 -18.23 -14.29
N VAL E 5 -35.76 -19.06 -13.37
CA VAL E 5 -34.99 -18.61 -12.22
C VAL E 5 -33.57 -19.15 -12.35
N GLU E 6 -32.60 -18.23 -12.40
CA GLU E 6 -31.20 -18.59 -12.56
C GLU E 6 -30.47 -18.49 -11.24
N SER E 7 -29.36 -19.22 -11.14
CA SER E 7 -28.55 -19.23 -9.94
C SER E 7 -27.14 -19.69 -10.30
N GLY E 8 -26.23 -19.54 -9.34
CA GLY E 8 -24.86 -19.97 -9.51
C GLY E 8 -23.85 -18.88 -9.78
N GLY E 9 -24.24 -17.61 -9.71
CA GLY E 9 -23.33 -16.51 -9.96
C GLY E 9 -22.50 -16.15 -8.75
N GLY E 10 -22.01 -14.92 -8.74
CA GLY E 10 -21.23 -14.42 -7.63
C GLY E 10 -19.89 -13.83 -8.01
N LEU E 11 -18.94 -13.89 -7.08
CA LEU E 11 -17.61 -13.31 -7.24
C LEU E 11 -16.57 -14.41 -7.41
N VAL E 12 -15.60 -14.16 -8.30
CA VAL E 12 -14.54 -15.13 -8.57
C VAL E 12 -13.38 -14.38 -9.20
N LYS E 13 -12.18 -14.94 -9.04
CA LYS E 13 -10.95 -14.34 -9.56
C LYS E 13 -10.86 -14.52 -11.08
N PRO E 14 -10.10 -13.65 -11.75
CA PRO E 14 -9.89 -13.82 -13.20
C PRO E 14 -9.18 -15.13 -13.48
N GLY E 15 -9.86 -16.02 -14.20
CA GLY E 15 -9.38 -17.34 -14.49
C GLY E 15 -10.15 -18.45 -13.80
N GLY E 16 -10.89 -18.13 -12.74
CA GLY E 16 -11.70 -19.11 -12.06
C GLY E 16 -12.87 -19.57 -12.90
N SER E 17 -13.67 -20.46 -12.33
CA SER E 17 -14.82 -21.03 -13.01
C SER E 17 -16.08 -20.80 -12.20
N LEU E 18 -17.21 -20.90 -12.90
CA LEU E 18 -18.52 -20.74 -12.27
C LEU E 18 -19.55 -21.48 -13.12
N LYS E 19 -20.61 -21.96 -12.47
CA LYS E 19 -21.64 -22.76 -13.13
C LYS E 19 -23.00 -22.12 -12.86
N LEU E 20 -23.66 -21.65 -13.92
CA LEU E 20 -24.95 -20.99 -13.82
C LEU E 20 -26.05 -21.97 -14.18
N SER E 21 -27.02 -22.15 -13.29
CA SER E 21 -28.19 -22.98 -13.53
C SER E 21 -29.39 -22.10 -13.85
N CYS E 22 -30.42 -22.71 -14.45
CA CYS E 22 -31.65 -21.99 -14.77
C CYS E 22 -32.80 -22.99 -14.80
N ALA E 23 -33.63 -22.97 -13.75
CA ALA E 23 -34.79 -23.83 -13.69
C ALA E 23 -35.93 -23.21 -14.50
N ALA E 24 -36.60 -24.03 -15.30
CA ALA E 24 -37.65 -23.58 -16.20
C ALA E 24 -38.97 -24.25 -15.84
N SER E 25 -40.02 -23.44 -15.71
CA SER E 25 -41.35 -23.94 -15.40
C SER E 25 -42.37 -23.19 -16.24
N GLY E 26 -43.61 -23.65 -16.17
CA GLY E 26 -44.71 -22.98 -16.84
C GLY E 26 -44.80 -23.20 -18.33
N PHE E 27 -43.92 -24.01 -18.92
CA PHE E 27 -43.97 -24.28 -20.35
C PHE E 27 -43.31 -25.62 -20.62
N THR E 28 -43.52 -26.13 -21.84
CA THR E 28 -42.91 -27.38 -22.27
C THR E 28 -41.46 -27.11 -22.60
N PHE E 29 -40.56 -27.50 -21.70
CA PHE E 29 -39.15 -27.17 -21.84
C PHE E 29 -38.50 -27.88 -23.02
N THR E 30 -38.91 -29.12 -23.32
CA THR E 30 -38.33 -29.86 -24.43
C THR E 30 -38.82 -29.35 -25.78
N ARG E 31 -39.78 -28.43 -25.81
CA ARG E 31 -40.30 -27.90 -27.06
C ARG E 31 -39.52 -26.70 -27.57
N TYR E 32 -38.93 -25.91 -26.68
CA TYR E 32 -38.26 -24.68 -27.05
C TYR E 32 -36.75 -24.81 -26.88
N ALA E 33 -36.02 -24.01 -27.64
CA ALA E 33 -34.59 -23.85 -27.45
C ALA E 33 -34.33 -22.76 -26.42
N MET E 34 -33.17 -22.83 -25.77
CA MET E 34 -32.82 -21.92 -24.70
C MET E 34 -31.53 -21.17 -25.02
N SER E 35 -31.34 -20.04 -24.35
CA SER E 35 -30.20 -19.18 -24.60
C SER E 35 -29.80 -18.46 -23.32
N TRP E 36 -28.58 -17.94 -23.32
CA TRP E 36 -28.06 -17.11 -22.25
C TRP E 36 -27.72 -15.75 -22.82
N VAL E 37 -28.31 -14.69 -22.25
CA VAL E 37 -28.03 -13.32 -22.65
C VAL E 37 -27.55 -12.57 -21.41
N ARG E 38 -26.42 -11.87 -21.54
CA ARG E 38 -25.85 -11.12 -20.44
C ARG E 38 -25.89 -9.63 -20.76
N GLN E 39 -25.96 -8.82 -19.71
CA GLN E 39 -25.95 -7.36 -19.82
C GLN E 39 -24.69 -6.84 -19.14
N THR E 40 -23.80 -6.27 -19.93
CA THR E 40 -22.54 -5.75 -19.39
C THR E 40 -22.82 -4.60 -18.42
N PRO E 41 -21.85 -4.29 -17.54
CA PRO E 41 -22.05 -3.13 -16.65
C PRO E 41 -22.30 -1.83 -17.39
N GLU E 42 -21.90 -1.74 -18.65
CA GLU E 42 -22.21 -0.58 -19.49
C GLU E 42 -23.64 -0.59 -20.02
N LYS E 43 -24.47 -1.51 -19.54
CA LYS E 43 -25.87 -1.63 -19.93
C LYS E 43 -26.02 -1.92 -21.43
N ARG E 44 -25.18 -2.83 -21.93
CA ARG E 44 -25.26 -3.29 -23.31
C ARG E 44 -25.59 -4.78 -23.31
N LEU E 45 -26.68 -5.14 -23.97
CA LEU E 45 -27.09 -6.53 -24.06
C LEU E 45 -26.20 -7.27 -25.05
N GLU E 46 -25.79 -8.49 -24.67
CA GLU E 46 -24.88 -9.29 -25.48
C GLU E 46 -25.28 -10.75 -25.37
N TRP E 47 -25.68 -11.34 -26.49
CA TRP E 47 -26.02 -12.75 -26.52
C TRP E 47 -24.77 -13.60 -26.30
N VAL E 48 -24.92 -14.69 -25.54
CA VAL E 48 -23.79 -15.53 -25.19
C VAL E 48 -23.87 -16.86 -25.92
N ALA E 49 -24.87 -17.67 -25.59
CA ALA E 49 -24.95 -19.03 -26.11
C ALA E 49 -26.41 -19.41 -26.37
N THR E 50 -26.59 -20.49 -27.11
CA THR E 50 -27.90 -21.03 -27.44
C THR E 50 -27.77 -22.53 -27.64
N ILE E 51 -28.71 -23.28 -27.09
CA ILE E 51 -28.69 -24.74 -27.15
C ILE E 51 -30.02 -25.23 -27.72
N SER E 52 -29.96 -26.30 -28.51
CA SER E 52 -31.16 -26.87 -29.10
C SER E 52 -32.01 -27.55 -28.02
N ASN E 53 -33.29 -27.73 -28.33
CA ASN E 53 -34.21 -28.30 -27.36
C ASN E 53 -33.80 -29.70 -26.95
N GLY E 54 -33.09 -30.43 -27.81
CA GLY E 54 -32.63 -31.76 -27.49
C GLY E 54 -31.19 -31.77 -27.04
N GLY E 55 -30.52 -30.63 -27.16
CA GLY E 55 -29.18 -30.46 -26.65
C GLY E 55 -28.06 -30.82 -27.62
N SER E 56 -28.40 -31.29 -28.82
CA SER E 56 -27.35 -31.69 -29.77
C SER E 56 -26.57 -30.50 -30.27
N TYR E 57 -27.28 -29.55 -30.90
CA TYR E 57 -26.65 -28.35 -31.44
C TYR E 57 -26.57 -27.27 -30.36
N THR E 58 -25.40 -26.67 -30.23
CA THR E 58 -25.14 -25.59 -29.29
C THR E 58 -24.55 -24.44 -30.08
N TYR E 59 -24.88 -23.21 -29.74
CA TYR E 59 -24.29 -22.06 -30.42
C TYR E 59 -23.69 -21.11 -29.39
N TYR E 60 -22.50 -20.59 -29.70
CA TYR E 60 -21.74 -19.80 -28.74
C TYR E 60 -21.30 -18.48 -29.38
N LEU E 61 -21.15 -17.47 -28.53
CA LEU E 61 -20.52 -16.23 -28.95
C LEU E 61 -19.06 -16.48 -29.29
N ASP E 62 -18.60 -15.86 -30.38
CA ASP E 62 -17.27 -16.16 -30.90
C ASP E 62 -16.17 -15.88 -29.88
N SER E 63 -16.32 -14.82 -29.08
CA SER E 63 -15.32 -14.51 -28.08
C SER E 63 -15.34 -15.48 -26.91
N VAL E 64 -16.47 -16.14 -26.67
CA VAL E 64 -16.60 -17.00 -25.48
C VAL E 64 -16.26 -18.46 -25.76
N LYS E 65 -16.07 -18.83 -27.02
CA LYS E 65 -15.83 -20.23 -27.38
C LYS E 65 -14.57 -20.76 -26.69
N GLY E 66 -14.61 -22.05 -26.36
CA GLY E 66 -13.51 -22.70 -25.68
C GLY E 66 -13.50 -22.52 -24.18
N ARG E 67 -14.37 -21.69 -23.63
CA ARG E 67 -14.40 -21.43 -22.20
C ARG E 67 -15.76 -21.71 -21.57
N PHE E 68 -16.85 -21.32 -22.25
CA PHE E 68 -18.20 -21.56 -21.77
C PHE E 68 -18.76 -22.83 -22.41
N THR E 69 -19.56 -23.55 -21.64
CA THR E 69 -20.21 -24.77 -22.12
C THR E 69 -21.66 -24.75 -21.67
N LEU E 70 -22.58 -24.92 -22.62
CA LEU E 70 -24.01 -24.85 -22.36
C LEU E 70 -24.59 -26.26 -22.39
N SER E 71 -25.15 -26.67 -21.26
CA SER E 71 -25.79 -27.98 -21.12
C SER E 71 -27.26 -27.80 -20.81
N ARG E 72 -27.98 -28.92 -20.78
CA ARG E 72 -29.43 -28.90 -20.61
C ARG E 72 -29.89 -30.26 -20.11
N ASP E 73 -30.57 -30.26 -18.97
CA ASP E 73 -31.14 -31.48 -18.39
C ASP E 73 -32.66 -31.39 -18.57
N ASN E 74 -33.15 -32.00 -19.66
CA ASN E 74 -34.58 -31.96 -19.97
C ASN E 74 -35.41 -32.76 -18.98
N ALA E 75 -34.79 -33.58 -18.14
CA ALA E 75 -35.54 -34.28 -17.10
C ALA E 75 -35.86 -33.38 -15.92
N LYS E 76 -35.03 -32.37 -15.67
CA LYS E 76 -35.24 -31.42 -14.58
C LYS E 76 -35.65 -30.04 -15.08
N ASN E 77 -35.81 -29.85 -16.39
CA ASN E 77 -36.18 -28.55 -16.97
C ASN E 77 -35.18 -27.47 -16.57
N THR E 78 -33.89 -27.82 -16.59
CA THR E 78 -32.83 -26.91 -16.18
C THR E 78 -31.71 -26.94 -17.19
N LEU E 79 -31.22 -25.75 -17.56
CA LEU E 79 -30.05 -25.61 -18.41
C LEU E 79 -28.91 -25.00 -17.61
N TYR E 80 -27.69 -25.32 -17.99
CA TYR E 80 -26.51 -24.91 -17.24
C TYR E 80 -25.48 -24.26 -18.15
N LEU E 81 -24.87 -23.18 -17.65
CA LEU E 81 -23.79 -22.47 -18.33
C LEU E 81 -22.52 -22.67 -17.51
N GLN E 82 -21.66 -23.56 -17.97
CA GLN E 82 -20.38 -23.84 -17.31
C GLN E 82 -19.36 -22.82 -17.78
N MET E 83 -19.16 -21.78 -16.97
CA MET E 83 -18.21 -20.71 -17.30
C MET E 83 -16.85 -21.06 -16.71
N SER E 84 -15.85 -21.17 -17.58
CA SER E 84 -14.50 -21.53 -17.16
C SER E 84 -13.51 -20.54 -17.76
N SER E 85 -12.33 -20.46 -17.12
CA SER E 85 -11.27 -19.53 -17.53
C SER E 85 -11.82 -18.11 -17.65
N LEU E 86 -12.49 -17.67 -16.60
CA LEU E 86 -13.25 -16.42 -16.64
C LEU E 86 -12.32 -15.22 -16.78
N ARG E 87 -12.66 -14.34 -17.72
CA ARG E 87 -11.94 -13.10 -17.92
C ARG E 87 -12.68 -11.94 -17.23
N SER E 88 -12.02 -10.79 -17.19
CA SER E 88 -12.63 -9.60 -16.60
C SER E 88 -13.85 -9.15 -17.40
N GLU E 89 -13.87 -9.39 -18.72
CA GLU E 89 -14.96 -8.96 -19.58
C GLU E 89 -16.22 -9.80 -19.40
N ASP E 90 -16.15 -10.92 -18.69
CA ASP E 90 -17.30 -11.76 -18.43
C ASP E 90 -18.14 -11.26 -17.26
N THR E 91 -17.86 -10.06 -16.77
CA THR E 91 -18.64 -9.45 -15.68
C THR E 91 -19.93 -8.90 -16.27
N ALA E 92 -21.06 -9.49 -15.91
CA ALA E 92 -22.34 -9.07 -16.46
C ALA E 92 -23.46 -9.71 -15.66
N MET E 93 -24.68 -9.22 -15.90
CA MET E 93 -25.90 -9.78 -15.32
C MET E 93 -26.46 -10.78 -16.31
N TYR E 94 -26.16 -12.06 -16.09
CA TYR E 94 -26.50 -13.11 -17.05
C TYR E 94 -27.98 -13.48 -16.92
N TYR E 95 -28.73 -13.25 -17.99
CA TYR E 95 -30.15 -13.61 -18.06
C TYR E 95 -30.30 -14.90 -18.85
N CYS E 96 -31.10 -15.82 -18.32
CA CYS E 96 -31.47 -17.04 -19.00
C CYS E 96 -32.84 -16.83 -19.64
N ALA E 97 -32.89 -16.90 -20.97
CA ALA E 97 -34.08 -16.54 -21.71
C ALA E 97 -34.50 -17.67 -22.64
N ARG E 98 -35.80 -17.74 -22.90
CA ARG E 98 -36.37 -18.73 -23.81
C ARG E 98 -36.39 -18.18 -25.22
N ARG E 99 -35.86 -18.96 -26.16
CA ARG E 99 -35.83 -18.55 -27.56
C ARG E 99 -37.19 -18.80 -28.21
N GLU E 100 -37.54 -17.92 -29.14
CA GLU E 100 -38.80 -18.00 -29.87
C GLU E 100 -38.54 -18.36 -31.32
N GLY E 101 -39.55 -18.13 -32.17
CA GLY E 101 -39.40 -18.36 -33.59
C GLY E 101 -39.47 -19.83 -33.96
N GLY E 102 -38.79 -20.17 -35.06
CA GLY E 102 -38.78 -21.50 -35.59
C GLY E 102 -37.54 -22.30 -35.20
N GLN E 103 -37.27 -23.32 -35.99
CA GLN E 103 -36.14 -24.23 -35.74
C GLN E 103 -34.85 -23.77 -36.41
N ALA E 104 -34.91 -22.79 -37.31
CA ALA E 104 -33.76 -22.35 -38.07
C ALA E 104 -33.31 -20.98 -37.58
N GLY E 105 -32.05 -20.89 -37.18
CA GLY E 105 -31.44 -19.63 -36.83
C GLY E 105 -31.94 -19.07 -35.52
N PRO E 106 -31.43 -17.90 -35.14
CA PRO E 106 -31.86 -17.27 -33.89
C PRO E 106 -33.18 -16.53 -34.09
N ALA E 107 -33.77 -16.15 -32.96
CA ALA E 107 -35.01 -15.39 -32.97
C ALA E 107 -35.04 -14.48 -31.75
N TRP E 108 -36.19 -13.86 -31.51
CA TRP E 108 -36.36 -12.94 -30.39
C TRP E 108 -36.57 -13.72 -29.10
N PHE E 109 -36.56 -12.98 -27.99
CA PHE E 109 -36.72 -13.56 -26.66
C PHE E 109 -37.86 -12.85 -25.96
N VAL E 110 -38.88 -13.61 -25.55
CA VAL E 110 -40.06 -13.05 -24.89
C VAL E 110 -39.95 -13.17 -23.38
N TYR E 111 -39.57 -14.35 -22.89
CA TYR E 111 -39.54 -14.62 -21.45
C TYR E 111 -38.10 -14.57 -20.96
N TRP E 112 -37.80 -13.58 -20.12
CA TRP E 112 -36.50 -13.43 -19.49
C TRP E 112 -36.63 -13.73 -18.00
N GLY E 113 -35.50 -13.98 -17.36
CA GLY E 113 -35.46 -14.27 -15.95
C GLY E 113 -34.96 -13.08 -15.12
N GLN E 114 -34.84 -13.32 -13.82
CA GLN E 114 -34.34 -12.28 -12.91
C GLN E 114 -32.88 -11.95 -13.18
N GLY E 115 -32.09 -12.94 -13.58
CA GLY E 115 -30.67 -12.73 -13.87
C GLY E 115 -29.79 -12.99 -12.67
N THR E 116 -28.59 -13.49 -12.95
CA THR E 116 -27.58 -13.73 -11.94
C THR E 116 -26.33 -12.92 -12.27
N LEU E 117 -25.75 -12.29 -11.26
CA LEU E 117 -24.58 -11.45 -11.47
C LEU E 117 -23.31 -12.26 -11.28
N VAL E 118 -22.36 -12.09 -12.20
CA VAL E 118 -21.04 -12.70 -12.11
C VAL E 118 -20.02 -11.56 -12.10
N THR E 119 -19.22 -11.49 -11.03
CA THR E 119 -18.26 -10.41 -10.84
C THR E 119 -16.85 -11.00 -10.82
N VAL E 120 -16.13 -10.83 -11.93
CA VAL E 120 -14.76 -11.31 -12.05
C VAL E 120 -13.82 -10.18 -11.64
N SER E 121 -13.14 -10.36 -10.52
CA SER E 121 -12.26 -9.32 -10.00
C SER E 121 -11.21 -9.95 -9.09
N ALA E 122 -9.95 -9.59 -9.32
CA ALA E 122 -8.87 -10.05 -8.47
C ALA E 122 -8.79 -9.29 -7.16
N ALA E 123 -9.65 -8.28 -6.97
CA ALA E 123 -9.59 -7.47 -5.77
C ALA E 123 -10.14 -8.22 -4.57
N LYS E 124 -9.56 -7.96 -3.41
CA LYS E 124 -10.01 -8.51 -2.15
C LYS E 124 -10.84 -7.47 -1.41
N THR E 125 -11.51 -7.92 -0.34
CA THR E 125 -12.33 -7.02 0.45
C THR E 125 -11.47 -5.94 1.09
N THR E 126 -11.68 -4.69 0.68
CA THR E 126 -10.88 -3.57 1.13
C THR E 126 -11.80 -2.50 1.71
N PRO E 127 -11.50 -1.97 2.90
CA PRO E 127 -12.33 -0.91 3.46
C PRO E 127 -12.08 0.40 2.71
N PRO E 128 -13.09 1.26 2.63
CA PRO E 128 -12.90 2.55 1.95
C PRO E 128 -12.19 3.56 2.82
N SER E 129 -11.47 4.46 2.16
CA SER E 129 -10.92 5.65 2.80
C SER E 129 -11.85 6.81 2.53
N VAL E 130 -12.61 7.21 3.54
CA VAL E 130 -13.66 8.22 3.38
C VAL E 130 -13.08 9.58 3.74
N TYR E 131 -13.20 10.53 2.81
CA TYR E 131 -12.52 11.81 2.93
C TYR E 131 -13.50 12.98 2.87
N PRO E 132 -13.32 13.98 3.72
CA PRO E 132 -14.21 15.15 3.68
C PRO E 132 -13.88 16.06 2.51
N LEU E 133 -14.91 16.74 2.02
CA LEU E 133 -14.80 17.68 0.90
C LEU E 133 -15.27 19.04 1.40
N ALA E 134 -14.32 19.87 1.85
CA ALA E 134 -14.63 21.20 2.35
C ALA E 134 -14.28 22.26 1.30
N PRO E 135 -15.09 23.31 1.17
CA PRO E 135 -14.79 24.36 0.20
C PRO E 135 -13.54 25.13 0.57
N GLY E 136 -12.82 25.60 -0.46
CA GLY E 136 -11.60 26.36 -0.27
C GLY E 136 -11.81 27.82 -0.61
N SER E 137 -11.46 28.67 0.35
CA SER E 137 -11.59 30.12 0.17
C SER E 137 -10.50 30.67 -0.75
N GLN E 140 -17.92 31.37 0.79
CA GLN E 140 -19.28 31.33 1.32
C GLN E 140 -20.14 32.44 0.73
N THR E 141 -19.75 32.95 -0.44
CA THR E 141 -20.41 34.11 -1.02
C THR E 141 -21.87 33.81 -1.40
N ASN E 142 -22.15 32.61 -1.89
CA ASN E 142 -23.51 32.28 -2.28
C ASN E 142 -24.37 31.97 -1.05
N SER E 143 -25.68 31.88 -1.28
CA SER E 143 -26.62 31.56 -0.22
C SER E 143 -26.66 30.07 0.11
N MET E 144 -25.99 29.23 -0.67
CA MET E 144 -26.03 27.78 -0.48
C MET E 144 -24.63 27.22 -0.69
N VAL E 145 -24.02 26.71 0.37
CA VAL E 145 -22.73 26.04 0.29
C VAL E 145 -22.96 24.57 -0.01
N THR E 146 -22.05 23.96 -0.77
CA THR E 146 -22.16 22.56 -1.15
C THR E 146 -20.99 21.80 -0.54
N LEU E 147 -21.31 20.78 0.25
CA LEU E 147 -20.31 19.92 0.87
C LEU E 147 -20.32 18.55 0.19
N GLY E 148 -19.21 17.85 0.30
CA GLY E 148 -19.07 16.56 -0.35
C GLY E 148 -18.43 15.53 0.56
N CYS E 149 -18.35 14.31 0.05
CA CYS E 149 -17.79 13.19 0.79
C CYS E 149 -17.22 12.22 -0.21
N LEU E 150 -15.93 11.89 -0.06
CA LEU E 150 -15.23 11.03 -1.01
C LEU E 150 -15.05 9.65 -0.39
N VAL E 151 -15.57 8.62 -1.06
CA VAL E 151 -15.50 7.23 -0.61
C VAL E 151 -14.76 6.45 -1.69
N LYS E 152 -13.45 6.27 -1.50
CA LYS E 152 -12.60 5.65 -2.51
C LYS E 152 -11.91 4.41 -1.97
N GLY E 153 -11.54 3.52 -2.90
CA GLY E 153 -10.73 2.35 -2.58
C GLY E 153 -11.42 1.29 -1.76
N TYR E 154 -12.62 0.87 -2.15
CA TYR E 154 -13.36 -0.16 -1.44
C TYR E 154 -13.80 -1.24 -2.41
N PHE E 155 -13.89 -2.46 -1.90
CA PHE E 155 -14.35 -3.60 -2.68
C PHE E 155 -14.83 -4.67 -1.72
N PRO E 156 -15.92 -5.38 -2.04
CA PRO E 156 -16.82 -5.05 -3.14
C PRO E 156 -17.85 -4.01 -2.69
N GLU E 157 -18.74 -3.60 -3.59
CA GLU E 157 -19.84 -2.74 -3.20
C GLU E 157 -21.01 -3.59 -2.73
N PRO E 158 -22.03 -2.99 -2.10
CA PRO E 158 -22.39 -1.58 -1.90
C PRO E 158 -21.71 -0.86 -0.74
N VAL E 159 -21.82 0.47 -0.76
CA VAL E 159 -21.59 1.32 0.39
C VAL E 159 -22.87 2.08 0.67
N THR E 160 -23.17 2.28 1.95
CA THR E 160 -24.31 3.10 2.36
C THR E 160 -23.77 4.46 2.76
N VAL E 161 -24.28 5.51 2.12
CA VAL E 161 -23.80 6.88 2.32
C VAL E 161 -24.99 7.78 2.60
N THR E 162 -25.12 8.26 3.83
CA THR E 162 -26.14 9.20 4.23
C THR E 162 -25.48 10.39 4.91
N TRP E 163 -26.26 11.46 5.07
CA TRP E 163 -25.79 12.68 5.73
C TRP E 163 -26.59 12.86 7.01
N ASN E 164 -25.89 12.86 8.14
CA ASN E 164 -26.50 13.03 9.46
C ASN E 164 -27.60 11.99 9.69
N SER E 165 -27.28 10.73 9.38
CA SER E 165 -28.19 9.61 9.57
C SER E 165 -29.48 9.78 8.78
N GLY E 166 -29.36 10.40 7.60
CA GLY E 166 -30.49 10.56 6.71
C GLY E 166 -31.38 11.73 7.00
N SER E 167 -31.07 12.54 8.02
CA SER E 167 -31.86 13.74 8.28
C SER E 167 -31.63 14.82 7.23
N LEU E 168 -30.51 14.76 6.50
CA LEU E 168 -30.28 15.62 5.35
C LEU E 168 -30.59 14.78 4.11
N SER E 169 -31.84 14.85 3.64
CA SER E 169 -32.29 14.08 2.50
C SER E 169 -32.34 14.91 1.23
N SER E 170 -32.95 16.09 1.30
CA SER E 170 -33.02 16.98 0.15
C SER E 170 -31.69 17.70 -0.05
N GLY E 171 -31.40 18.01 -1.30
CA GLY E 171 -30.12 18.62 -1.63
C GLY E 171 -28.94 17.69 -1.48
N VAL E 172 -29.16 16.39 -1.62
CA VAL E 172 -28.12 15.38 -1.46
C VAL E 172 -28.02 14.60 -2.76
N HIS E 173 -26.79 14.44 -3.27
CA HIS E 173 -26.54 13.69 -4.49
C HIS E 173 -25.51 12.62 -4.19
N THR E 174 -25.87 11.36 -4.46
CA THR E 174 -24.95 10.23 -4.30
C THR E 174 -24.63 9.69 -5.70
N PHE E 175 -23.40 9.92 -6.14
CA PHE E 175 -23.02 9.58 -7.50
C PHE E 175 -22.64 8.11 -7.60
N PRO E 176 -22.97 7.47 -8.73
CA PRO E 176 -22.68 6.03 -8.87
C PRO E 176 -21.19 5.73 -8.73
N ALA E 177 -20.90 4.51 -8.30
CA ALA E 177 -19.52 4.10 -8.08
C ALA E 177 -18.83 3.86 -9.41
N VAL E 178 -17.55 4.22 -9.47
CA VAL E 178 -16.72 4.04 -10.66
C VAL E 178 -15.56 3.14 -10.30
N LEU E 179 -15.22 2.23 -11.21
CA LEU E 179 -14.13 1.28 -10.99
C LEU E 179 -12.79 1.97 -11.25
N GLN E 180 -11.89 1.88 -10.27
CA GLN E 180 -10.55 2.47 -10.37
C GLN E 180 -9.54 1.47 -9.82
N SER E 181 -8.73 0.90 -10.71
CA SER E 181 -7.65 -0.02 -10.32
C SER E 181 -8.19 -1.18 -9.49
N ASP E 182 -9.21 -1.85 -10.02
CA ASP E 182 -9.92 -2.94 -9.38
C ASP E 182 -10.63 -2.54 -8.09
N LEU E 183 -10.75 -1.24 -7.82
CA LEU E 183 -11.42 -0.75 -6.62
C LEU E 183 -12.46 0.29 -7.01
N TYR E 184 -13.48 0.42 -6.16
CA TYR E 184 -14.57 1.35 -6.42
C TYR E 184 -14.32 2.67 -5.72
N THR E 185 -14.79 3.76 -6.35
CA THR E 185 -14.70 5.09 -5.79
C THR E 185 -16.02 5.80 -6.04
N LEU E 186 -16.47 6.56 -5.05
CA LEU E 186 -17.80 7.16 -5.07
C LEU E 186 -17.75 8.46 -4.28
N SER E 187 -18.69 9.36 -4.60
CA SER E 187 -18.78 10.64 -3.91
C SER E 187 -20.24 11.02 -3.71
N SER E 188 -20.50 11.79 -2.66
CA SER E 188 -21.84 12.27 -2.36
C SER E 188 -21.77 13.74 -1.99
N SER E 189 -22.67 14.54 -2.54
CA SER E 189 -22.69 15.98 -2.34
C SER E 189 -23.97 16.39 -1.64
N VAL E 190 -23.83 17.25 -0.63
CA VAL E 190 -24.96 17.83 0.09
C VAL E 190 -24.86 19.35 0.00
N THR E 191 -25.97 19.99 -0.33
CA THR E 191 -26.06 21.45 -0.38
C THR E 191 -26.94 21.92 0.76
N VAL E 192 -26.43 22.83 1.57
CA VAL E 192 -27.12 23.30 2.77
C VAL E 192 -27.10 24.82 2.79
N PRO E 193 -28.01 25.44 3.56
CA PRO E 193 -27.95 26.89 3.72
C PRO E 193 -26.61 27.34 4.32
N SER E 194 -26.22 28.56 3.98
CA SER E 194 -24.92 29.07 4.40
C SER E 194 -24.93 29.53 5.86
N SER E 195 -26.07 30.00 6.36
CA SER E 195 -26.14 30.43 7.75
C SER E 195 -26.07 29.28 8.74
N THR E 196 -26.04 28.03 8.26
CA THR E 196 -25.96 26.86 9.12
C THR E 196 -24.54 26.33 9.21
N TRP E 197 -23.93 26.00 8.06
CA TRP E 197 -22.55 25.52 8.05
C TRP E 197 -21.60 26.71 8.05
N PRO E 198 -20.47 26.63 8.77
CA PRO E 198 -20.00 25.47 9.55
C PRO E 198 -20.36 25.52 11.03
N SER E 199 -21.27 26.40 11.42
CA SER E 199 -21.71 26.45 12.81
C SER E 199 -22.48 25.20 13.19
N GLU E 200 -23.26 24.66 12.27
CA GLU E 200 -23.99 23.42 12.48
C GLU E 200 -23.24 22.25 11.87
N THR E 201 -23.37 21.09 12.51
CA THR E 201 -22.57 19.92 12.17
C THR E 201 -23.19 19.14 11.02
N VAL E 202 -22.41 18.94 9.96
CA VAL E 202 -22.79 18.10 8.83
C VAL E 202 -21.82 16.93 8.80
N THR E 203 -22.31 15.74 9.16
CA THR E 203 -21.48 14.54 9.26
C THR E 203 -21.83 13.57 8.15
N CYS E 204 -20.81 13.07 7.47
CA CYS E 204 -20.97 12.09 6.40
C CYS E 204 -20.89 10.69 6.99
N ASN E 205 -21.95 9.91 6.80
CA ASN E 205 -22.02 8.55 7.33
C ASN E 205 -21.82 7.56 6.19
N VAL E 206 -20.76 6.77 6.27
CA VAL E 206 -20.45 5.75 5.28
C VAL E 206 -20.30 4.42 5.99
N ALA E 207 -20.84 3.36 5.37
CA ALA E 207 -20.82 2.02 5.95
C ALA E 207 -20.56 1.00 4.84
N HIS E 208 -19.46 0.27 4.95
CA HIS E 208 -19.16 -0.82 4.03
C HIS E 208 -19.47 -2.14 4.72
N PRO E 209 -20.58 -2.80 4.39
CA PRO E 209 -20.92 -4.04 5.10
C PRO E 209 -20.01 -5.20 4.77
N ALA E 210 -19.33 -5.18 3.62
CA ALA E 210 -18.47 -6.30 3.24
C ALA E 210 -17.21 -6.34 4.09
N SER E 211 -16.77 -5.21 4.62
CA SER E 211 -15.62 -5.16 5.52
C SER E 211 -16.01 -4.80 6.95
N SER E 212 -17.31 -4.69 7.24
CA SER E 212 -17.81 -4.36 8.57
C SER E 212 -17.27 -3.03 9.07
N THR E 213 -17.03 -2.09 8.16
CA THR E 213 -16.48 -0.78 8.52
C THR E 213 -17.56 0.29 8.41
N LYS E 214 -17.56 1.20 9.38
CA LYS E 214 -18.41 2.38 9.35
C LYS E 214 -17.56 3.57 9.78
N VAL E 215 -17.78 4.72 9.15
CA VAL E 215 -17.05 5.93 9.48
C VAL E 215 -18.01 7.11 9.36
N ASP E 216 -18.04 7.94 10.39
CA ASP E 216 -18.87 9.14 10.43
C ASP E 216 -17.94 10.34 10.32
N LYS E 217 -17.88 10.92 9.12
CA LYS E 217 -16.92 11.99 8.82
C LYS E 217 -17.61 13.35 8.94
N LYS E 218 -17.10 14.17 9.85
CA LYS E 218 -17.61 15.52 10.06
C LYS E 218 -16.90 16.47 9.11
N ILE E 219 -17.67 17.15 8.25
CA ILE E 219 -17.11 18.06 7.26
C ILE E 219 -16.61 19.31 7.99
N VAL E 220 -15.30 19.47 8.05
CA VAL E 220 -14.67 20.57 8.79
C VAL E 220 -14.11 21.57 7.78
N PRO E 221 -14.27 22.87 8.00
CA PRO E 221 -13.68 23.86 7.08
C PRO E 221 -12.19 23.69 6.96
N ARG E 222 -11.67 23.99 5.76
CA ARG E 222 -10.23 23.94 5.55
C ARG E 222 -9.52 24.92 6.49
N ASP E 223 -8.43 24.45 7.08
CA ASP E 223 -7.61 25.26 7.97
C ASP E 223 -6.36 25.69 7.21
N CYS E 224 -6.30 26.97 6.83
CA CYS E 224 -5.18 27.52 6.07
C CYS E 224 -4.22 28.32 6.95
N GLY E 225 -4.29 28.15 8.27
CA GLY E 225 -3.42 28.86 9.18
C GLY E 225 -2.32 28.00 9.78
N VAL F 9 -30.11 -27.89 -44.24
CA VAL F 9 -30.79 -27.89 -42.95
C VAL F 9 -29.84 -27.46 -41.84
N THR F 10 -29.34 -26.23 -41.91
CA THR F 10 -28.43 -25.70 -40.92
C THR F 10 -29.07 -24.52 -40.22
N GLY F 11 -28.53 -24.20 -39.04
CA GLY F 11 -29.22 -23.35 -38.11
C GLY F 11 -30.27 -24.10 -37.32
N ILE F 12 -30.15 -25.42 -37.24
CA ILE F 12 -31.16 -26.27 -36.62
C ILE F 12 -31.12 -26.04 -35.11
N ARG F 13 -32.17 -25.42 -34.57
CA ARG F 13 -32.26 -25.11 -33.16
C ARG F 13 -33.42 -25.78 -32.45
N ILE F 14 -34.36 -26.38 -33.18
CA ILE F 14 -35.47 -27.13 -32.59
C ILE F 14 -35.51 -28.49 -33.28
N GLU F 15 -34.87 -29.48 -32.66
CA GLU F 15 -34.94 -30.85 -33.12
C GLU F 15 -36.06 -31.59 -32.40
N ASP F 16 -36.33 -32.81 -32.84
CA ASP F 16 -37.40 -33.62 -32.25
C ASP F 16 -37.07 -34.01 -30.82
#